data_6OBI
#
_entry.id   6OBI
#
_entity_poly.entity_id   1
_entity_poly.type   'polypeptide(L)'
_entity_poly.pdbx_seq_one_letter_code
;KQQEEEAERLRRIQEEMEKERKRREEDEQRRRKEEEERRMKLEMEAKRKQEEEERKKREDDEKRIQAE
;
_entity_poly.pdbx_strand_id   A
#
# COMPACT_ATOMS: atom_id res chain seq x y z
N LYS A 1 -33.57 -35.13 -13.97
CA LYS A 1 -33.60 -33.65 -14.13
C LYS A 1 -34.88 -33.11 -13.48
N GLN A 2 -34.71 -32.32 -12.43
CA GLN A 2 -35.83 -31.74 -11.72
C GLN A 2 -35.53 -30.29 -11.33
N GLN A 3 -36.58 -29.51 -11.17
CA GLN A 3 -36.44 -28.11 -10.80
C GLN A 3 -35.75 -27.97 -9.44
N GLU A 4 -36.10 -28.86 -8.52
CA GLU A 4 -35.52 -28.85 -7.19
C GLU A 4 -34.02 -29.11 -7.24
N GLU A 5 -33.62 -30.06 -8.09
CA GLU A 5 -32.20 -30.39 -8.25
C GLU A 5 -31.45 -29.20 -8.82
N GLU A 6 -32.09 -28.55 -9.80
CA GLU A 6 -31.42 -27.42 -10.43
C GLU A 6 -31.16 -26.33 -9.39
N ALA A 7 -32.16 -26.10 -8.53
CA ALA A 7 -32.03 -25.06 -7.52
C ALA A 7 -30.83 -25.36 -6.63
N GLU A 8 -30.64 -26.63 -6.27
CA GLU A 8 -29.51 -27.01 -5.44
C GLU A 8 -28.20 -26.70 -6.15
N ARG A 9 -28.17 -27.01 -7.44
CA ARG A 9 -26.96 -26.72 -8.22
C ARG A 9 -26.71 -25.22 -8.27
N LEU A 10 -27.80 -24.46 -8.47
CA LEU A 10 -27.76 -23.01 -8.52
C LEU A 10 -27.27 -22.41 -7.20
N ARG A 11 -27.68 -23.02 -6.09
CA ARG A 11 -27.28 -22.55 -4.76
C ARG A 11 -25.78 -22.66 -4.55
N ARG A 12 -25.20 -23.77 -5.00
CA ARG A 12 -23.77 -23.99 -4.87
C ARG A 12 -22.98 -22.96 -5.67
N ILE A 13 -23.47 -22.67 -6.86
CA ILE A 13 -22.79 -21.71 -7.73
C ILE A 13 -22.75 -20.35 -7.06
N GLN A 14 -23.86 -19.93 -6.46
CA GLN A 14 -23.95 -18.63 -5.80
C GLN A 14 -22.95 -18.54 -4.65
N GLU A 15 -22.79 -19.63 -3.89
CA GLU A 15 -21.87 -19.68 -2.77
C GLU A 15 -20.42 -19.52 -3.24
N GLU A 16 -20.09 -20.19 -4.33
CA GLU A 16 -18.73 -20.12 -4.85
C GLU A 16 -18.38 -18.70 -5.26
N MET A 17 -19.33 -18.03 -5.92
CA MET A 17 -19.14 -16.66 -6.37
C MET A 17 -18.87 -15.72 -5.21
N GLU A 18 -19.59 -15.91 -4.10
CA GLU A 18 -19.43 -15.07 -2.92
C GLU A 18 -18.03 -15.20 -2.36
N LYS A 19 -17.52 -16.43 -2.31
CA LYS A 19 -16.17 -16.66 -1.79
C LYS A 19 -15.14 -15.95 -2.66
N GLU A 20 -15.33 -16.03 -3.98
CA GLU A 20 -14.43 -15.37 -4.91
C GLU A 20 -14.48 -13.86 -4.71
N ARG A 21 -15.68 -13.34 -4.52
CA ARG A 21 -15.87 -11.91 -4.32
C ARG A 21 -15.14 -11.46 -3.05
N LYS A 22 -15.24 -12.25 -1.99
CA LYS A 22 -14.56 -11.94 -0.74
C LYS A 22 -13.05 -11.94 -0.92
N ARG A 23 -12.56 -12.91 -1.66
CA ARG A 23 -11.12 -13.02 -1.92
C ARG A 23 -10.63 -11.79 -2.66
N ARG A 24 -11.40 -11.35 -3.64
CA ARG A 24 -11.03 -10.17 -4.42
C ARG A 24 -10.99 -8.94 -3.51
N GLU A 25 -11.97 -8.83 -2.64
CA GLU A 25 -12.04 -7.70 -1.72
C GLU A 25 -10.82 -7.70 -0.80
N GLU A 26 -10.46 -8.89 -0.31
CA GLU A 26 -9.31 -9.02 0.57
C GLU A 26 -8.04 -8.60 -0.17
N ASP A 27 -7.91 -9.04 -1.42
CA ASP A 27 -6.76 -8.70 -2.24
C ASP A 27 -6.70 -7.19 -2.48
N GLU A 28 -7.85 -6.61 -2.74
CA GLU A 28 -7.93 -5.17 -2.98
C GLU A 28 -7.46 -4.40 -1.74
N GLN A 29 -7.91 -4.85 -0.58
CA GLN A 29 -7.53 -4.21 0.68
C GLN A 29 -6.02 -4.30 0.87
N ARG A 30 -5.47 -5.47 0.57
CA ARG A 30 -4.03 -5.67 0.72
C ARG A 30 -3.27 -4.73 -0.21
N ARG A 31 -3.76 -4.61 -1.44
CA ARG A 31 -3.11 -3.73 -2.42
C ARG A 31 -3.15 -2.29 -1.94
N ARG A 32 -4.29 -1.88 -1.39
CA ARG A 32 -4.44 -0.52 -0.89
C ARG A 32 -3.45 -0.26 0.23
N LYS A 33 -3.32 -1.23 1.13
CA LYS A 33 -2.39 -1.12 2.25
C LYS A 33 -0.96 -1.03 1.74
N GLU A 34 -0.65 -1.85 0.74
CA GLU A 34 0.69 -1.87 0.17
C GLU A 34 1.03 -0.51 -0.44
N GLU A 35 0.06 0.07 -1.15
CA GLU A 35 0.24 1.38 -1.78
C GLU A 35 0.48 2.46 -0.72
N GLU A 36 -0.28 2.37 0.36
CA GLU A 36 -0.16 3.34 1.46
C GLU A 36 1.23 3.24 2.09
N GLU A 37 1.69 2.00 2.29
CA GLU A 37 3.00 1.77 2.88
C GLU A 37 4.08 2.35 1.98
N ARG A 38 3.94 2.13 0.67
CA ARG A 38 4.94 2.63 -0.27
C ARG A 38 4.99 4.14 -0.20
N ARG A 39 3.82 4.78 -0.16
CA ARG A 39 3.76 6.24 -0.10
C ARG A 39 4.46 6.73 1.15
N MET A 40 4.22 6.06 2.28
CA MET A 40 4.83 6.46 3.54
C MET A 40 6.34 6.38 3.43
N LYS A 41 6.84 5.33 2.79
CA LYS A 41 8.28 5.16 2.62
C LYS A 41 8.85 6.30 1.77
N LEU A 42 8.11 6.66 0.72
CA LEU A 42 8.56 7.73 -0.16
C LEU A 42 8.63 9.05 0.61
N GLU A 43 7.61 9.30 1.43
CA GLU A 43 7.55 10.52 2.23
C GLU A 43 8.73 10.56 3.20
N MET A 44 9.03 9.41 3.80
CA MET A 44 10.13 9.31 4.75
C MET A 44 11.45 9.66 4.07
N GLU A 45 11.64 9.15 2.86
CA GLU A 45 12.86 9.42 2.09
C GLU A 45 12.98 10.91 1.79
N ALA A 46 11.86 11.54 1.44
CA ALA A 46 11.85 12.96 1.14
C ALA A 46 12.27 13.75 2.38
N LYS A 47 11.76 13.36 3.53
CA LYS A 47 12.09 14.06 4.77
C LYS A 47 13.59 13.98 5.03
N ARG A 48 14.17 12.80 4.82
CA ARG A 48 15.61 12.62 5.00
C ARG A 48 16.38 13.50 4.04
N LYS A 49 15.92 13.55 2.80
CA LYS A 49 16.60 14.37 1.79
C LYS A 49 16.57 15.84 2.20
N GLN A 50 15.43 16.29 2.70
CA GLN A 50 15.30 17.68 3.14
C GLN A 50 16.23 17.94 4.32
N GLU A 51 16.29 16.99 5.24
CA GLU A 51 17.14 17.10 6.42
C GLU A 51 18.60 17.19 6.00
N GLU A 52 18.99 16.38 5.03
CA GLU A 52 20.36 16.35 4.52
C GLU A 52 20.74 17.70 3.93
N GLU A 53 19.82 18.32 3.19
CA GLU A 53 20.07 19.62 2.56
C GLU A 53 20.32 20.67 3.64
N GLU A 54 19.51 20.64 4.70
CA GLU A 54 19.64 21.59 5.80
C GLU A 54 20.99 21.42 6.48
N ARG A 55 21.42 20.17 6.66
CA ARG A 55 22.68 19.89 7.31
C ARG A 55 23.83 20.49 6.51
N LYS A 56 23.80 20.35 5.19
CA LYS A 56 24.82 20.89 4.31
C LYS A 56 24.86 22.41 4.43
N LYS A 57 23.67 23.02 4.46
CA LYS A 57 23.58 24.46 4.59
C LYS A 57 24.18 24.93 5.92
N ARG A 58 23.87 24.20 6.98
CA ARG A 58 24.39 24.53 8.31
C ARG A 58 25.92 24.42 8.33
N GLU A 59 26.43 23.37 7.70
CA GLU A 59 27.88 23.14 7.65
C GLU A 59 28.58 24.28 6.92
N ASP A 60 28.00 24.74 5.81
CA ASP A 60 28.56 25.82 5.01
C ASP A 60 28.64 27.11 5.82
N ASP A 61 27.60 27.40 6.59
CA ASP A 61 27.54 28.60 7.42
C ASP A 61 28.64 28.58 8.47
N GLU A 62 28.90 27.41 9.05
CA GLU A 62 29.94 27.23 10.06
C GLU A 62 31.34 27.48 9.50
N LYS A 63 31.58 27.00 8.30
CA LYS A 63 32.89 27.11 7.66
C LYS A 63 33.26 28.58 7.46
N ARG A 64 32.29 29.37 7.05
CA ARG A 64 32.56 30.79 6.85
C ARG A 64 32.62 31.52 8.19
N ILE A 65 32.55 30.79 9.30
CA ILE A 65 32.62 31.43 10.62
C ILE A 65 33.98 32.09 10.82
N GLN A 66 35.03 31.35 10.47
CA GLN A 66 36.39 31.86 10.62
C GLN A 66 37.28 31.45 9.45
N ALA A 67 36.69 30.84 8.42
CA ALA A 67 37.41 30.39 7.24
C ALA A 67 38.12 29.07 7.50
N GLU A 68 37.35 28.07 7.94
CA GLU A 68 37.91 26.75 8.21
C GLU A 68 37.83 25.88 6.96
N LYS A 1 -40.29 -30.04 -11.42
CA LYS A 1 -39.10 -30.78 -10.93
C LYS A 1 -37.84 -30.19 -11.56
N GLN A 2 -37.88 -30.02 -12.88
CA GLN A 2 -36.74 -29.48 -13.61
C GLN A 2 -36.42 -28.07 -13.13
N GLN A 3 -37.48 -27.28 -12.90
CA GLN A 3 -37.31 -25.90 -12.45
C GLN A 3 -36.61 -25.88 -11.09
N GLU A 4 -36.99 -26.80 -10.22
CA GLU A 4 -36.41 -26.87 -8.88
C GLU A 4 -34.92 -27.21 -8.97
N GLU A 5 -34.58 -28.16 -9.84
CA GLU A 5 -33.19 -28.56 -10.00
C GLU A 5 -32.35 -27.38 -10.51
N GLU A 6 -32.94 -26.65 -11.45
CA GLU A 6 -32.21 -25.50 -12.00
C GLU A 6 -31.92 -24.49 -10.90
N ALA A 7 -32.92 -24.27 -10.05
CA ALA A 7 -32.76 -23.30 -8.97
C ALA A 7 -31.60 -23.71 -8.08
N GLU A 8 -31.48 -25.00 -7.79
CA GLU A 8 -30.38 -25.48 -6.96
C GLU A 8 -29.04 -25.20 -7.63
N ARG A 9 -29.00 -25.45 -8.94
CA ARG A 9 -27.78 -25.20 -9.70
C ARG A 9 -27.44 -23.71 -9.68
N LEU A 10 -28.49 -22.91 -9.87
CA LEU A 10 -28.37 -21.45 -9.86
C LEU A 10 -27.86 -20.94 -8.52
N ARG A 11 -28.32 -21.57 -7.43
CA ARG A 11 -27.90 -21.18 -6.09
C ARG A 11 -26.40 -21.39 -5.87
N ARG A 12 -25.89 -22.52 -6.36
CA ARG A 12 -24.47 -22.82 -6.22
C ARG A 12 -23.61 -21.81 -6.95
N ILE A 13 -24.06 -21.44 -8.15
CA ILE A 13 -23.32 -20.50 -8.97
C ILE A 13 -23.22 -19.15 -8.27
N GLN A 14 -24.32 -18.70 -7.67
CA GLN A 14 -24.36 -17.42 -6.97
C GLN A 14 -23.37 -17.41 -5.80
N GLU A 15 -23.29 -18.52 -5.08
CA GLU A 15 -22.38 -18.65 -3.95
C GLU A 15 -20.92 -18.53 -4.37
N GLU A 16 -20.60 -19.18 -5.48
CA GLU A 16 -19.22 -19.16 -5.98
C GLU A 16 -18.79 -17.74 -6.33
N MET A 17 -19.69 -17.01 -6.98
CA MET A 17 -19.41 -15.64 -7.40
C MET A 17 -19.12 -14.76 -6.19
N GLU A 18 -19.89 -14.95 -5.12
CA GLU A 18 -19.70 -14.16 -3.91
C GLU A 18 -18.31 -14.38 -3.32
N LYS A 19 -17.87 -15.64 -3.30
CA LYS A 19 -16.55 -15.96 -2.76
C LYS A 19 -15.46 -15.28 -3.58
N GLU A 20 -15.63 -15.32 -4.90
CA GLU A 20 -14.68 -14.68 -5.80
C GLU A 20 -14.65 -13.17 -5.56
N ARG A 21 -15.83 -12.59 -5.37
CA ARG A 21 -15.93 -11.16 -5.14
C ARG A 21 -15.19 -10.79 -3.86
N LYS A 22 -15.35 -11.61 -2.81
CA LYS A 22 -14.70 -11.36 -1.54
C LYS A 22 -13.18 -11.42 -1.71
N ARG A 23 -12.72 -12.40 -2.47
CA ARG A 23 -11.29 -12.56 -2.70
C ARG A 23 -10.72 -11.33 -3.39
N ARG A 24 -11.45 -10.82 -4.37
CA ARG A 24 -11.00 -9.63 -5.09
C ARG A 24 -10.90 -8.45 -4.14
N GLU A 25 -11.91 -8.32 -3.27
CA GLU A 25 -11.93 -7.23 -2.32
C GLU A 25 -10.74 -7.34 -1.38
N GLU A 26 -10.45 -8.55 -0.93
CA GLU A 26 -9.33 -8.77 -0.03
C GLU A 26 -8.02 -8.40 -0.72
N ASP A 27 -7.88 -8.80 -1.98
CA ASP A 27 -6.70 -8.49 -2.77
C ASP A 27 -6.54 -6.99 -2.93
N GLU A 28 -7.67 -6.32 -3.19
CA GLU A 28 -7.66 -4.89 -3.38
C GLU A 28 -7.18 -4.19 -2.10
N GLN A 29 -7.67 -4.66 -0.97
CA GLN A 29 -7.28 -4.08 0.32
C GLN A 29 -5.79 -4.24 0.54
N ARG A 30 -5.26 -5.42 0.21
CA ARG A 30 -3.84 -5.70 0.37
C ARG A 30 -3.03 -4.76 -0.51
N ARG A 31 -3.49 -4.57 -1.74
CA ARG A 31 -2.81 -3.68 -2.67
C ARG A 31 -2.80 -2.26 -2.14
N ARG A 32 -3.93 -1.83 -1.60
CA ARG A 32 -4.03 -0.47 -1.04
C ARG A 32 -3.06 -0.31 0.11
N LYS A 33 -3.00 -1.33 0.98
CA LYS A 33 -2.09 -1.30 2.12
C LYS A 33 -0.64 -1.25 1.64
N GLU A 34 -0.35 -2.03 0.62
CA GLU A 34 1.00 -2.09 0.08
C GLU A 34 1.40 -0.73 -0.48
N GLU A 35 0.48 -0.08 -1.18
CA GLU A 35 0.73 1.24 -1.75
C GLU A 35 1.01 2.26 -0.64
N GLU A 36 0.20 2.18 0.42
CA GLU A 36 0.36 3.08 1.55
C GLU A 36 1.72 2.87 2.22
N GLU A 37 2.10 1.61 2.37
CA GLU A 37 3.38 1.29 3.00
C GLU A 37 4.52 1.83 2.14
N ARG A 38 4.40 1.65 0.83
CA ARG A 38 5.45 2.10 -0.09
C ARG A 38 5.58 3.62 0.01
N ARG A 39 4.45 4.31 0.05
CA ARG A 39 4.47 5.77 0.13
C ARG A 39 5.15 6.21 1.40
N MET A 40 4.86 5.53 2.51
CA MET A 40 5.46 5.87 3.79
C MET A 40 6.97 5.71 3.72
N LYS A 41 7.42 4.64 3.09
CA LYS A 41 8.85 4.39 2.95
C LYS A 41 9.51 5.50 2.14
N LEU A 42 8.84 5.91 1.07
CA LEU A 42 9.36 6.98 0.22
C LEU A 42 9.47 8.28 1.02
N GLU A 43 8.44 8.56 1.81
CA GLU A 43 8.42 9.77 2.64
C GLU A 43 9.57 9.74 3.63
N MET A 44 9.78 8.56 4.23
CA MET A 44 10.84 8.39 5.22
C MET A 44 12.20 8.69 4.59
N GLU A 45 12.41 8.19 3.38
CA GLU A 45 13.66 8.40 2.66
C GLU A 45 13.88 9.89 2.41
N ALA A 46 12.80 10.58 2.04
CA ALA A 46 12.88 12.01 1.76
C ALA A 46 13.30 12.77 3.02
N LYS A 47 12.73 12.37 4.15
CA LYS A 47 13.05 13.02 5.42
C LYS A 47 14.54 12.85 5.71
N ARG A 48 15.07 11.66 5.48
CA ARG A 48 16.48 11.39 5.72
C ARG A 48 17.34 12.27 4.81
N LYS A 49 16.91 12.40 3.56
CA LYS A 49 17.65 13.22 2.60
C LYS A 49 17.70 14.67 3.08
N GLN A 50 16.56 15.16 3.56
CA GLN A 50 16.50 16.53 4.06
C GLN A 50 17.41 16.69 5.28
N GLU A 51 17.38 15.70 6.16
CA GLU A 51 18.21 15.72 7.36
C GLU A 51 19.69 15.74 6.98
N GLU A 52 20.05 14.94 5.98
CA GLU A 52 21.42 14.85 5.51
C GLU A 52 21.89 16.20 4.98
N GLU A 53 21.02 16.89 4.23
CA GLU A 53 21.36 18.20 3.66
C GLU A 53 21.63 19.20 4.78
N GLU A 54 20.79 19.18 5.81
CA GLU A 54 20.93 20.09 6.94
C GLU A 54 22.27 19.83 7.64
N ARG A 55 22.62 18.57 7.80
CA ARG A 55 23.86 18.21 8.47
C ARG A 55 25.05 18.77 7.70
N LYS A 56 25.04 18.65 6.38
CA LYS A 56 26.11 19.16 5.54
C LYS A 56 26.23 20.68 5.69
N LYS A 57 25.07 21.34 5.72
CA LYS A 57 25.06 22.79 5.88
C LYS A 57 25.64 23.20 7.23
N ARG A 58 25.27 22.46 8.27
CA ARG A 58 25.76 22.73 9.62
C ARG A 58 27.27 22.56 9.68
N GLU A 59 27.75 21.49 9.03
CA GLU A 59 29.19 21.20 9.02
C GLU A 59 29.97 22.32 8.34
N ASP A 60 29.43 22.84 7.24
CA ASP A 60 30.08 23.91 6.49
C ASP A 60 30.21 25.16 7.35
N ASP A 61 29.16 25.49 8.09
CA ASP A 61 29.14 26.66 8.96
C ASP A 61 30.22 26.56 10.03
N GLU A 62 30.42 25.37 10.60
CA GLU A 62 31.42 25.14 11.63
C GLU A 62 32.84 25.32 11.09
N LYS A 63 33.07 24.81 9.88
CA LYS A 63 34.40 24.86 9.29
C LYS A 63 34.86 26.30 9.11
N ARG A 64 33.95 27.15 8.66
CA ARG A 64 34.29 28.55 8.49
C ARG A 64 34.33 29.29 9.82
N ILE A 65 34.24 28.57 10.92
CA ILE A 65 34.24 29.16 12.26
C ILE A 65 33.22 30.29 12.36
N GLN A 66 32.16 30.19 11.58
CA GLN A 66 31.13 31.22 11.60
C GLN A 66 29.92 30.78 12.42
N ALA A 67 29.70 29.47 12.46
CA ALA A 67 28.59 28.90 13.22
C ALA A 67 28.74 29.22 14.71
N GLU A 68 29.98 29.14 15.20
CA GLU A 68 30.26 29.41 16.60
C GLU A 68 31.39 30.44 16.73
N LYS A 1 -38.52 -31.91 -10.00
CA LYS A 1 -38.88 -31.06 -11.17
C LYS A 1 -37.61 -30.51 -11.81
N GLN A 2 -37.65 -30.35 -13.14
CA GLN A 2 -36.50 -29.83 -13.87
C GLN A 2 -36.18 -28.40 -13.43
N GLN A 3 -37.22 -27.60 -13.26
CA GLN A 3 -37.05 -26.21 -12.85
C GLN A 3 -36.41 -26.14 -11.46
N GLU A 4 -36.85 -27.02 -10.58
CA GLU A 4 -36.32 -27.06 -9.21
C GLU A 4 -34.83 -27.42 -9.23
N GLU A 5 -34.47 -28.39 -10.08
CA GLU A 5 -33.08 -28.82 -10.20
C GLU A 5 -32.22 -27.68 -10.71
N GLU A 6 -32.75 -26.99 -11.71
CA GLU A 6 -31.99 -25.88 -12.30
C GLU A 6 -31.72 -24.82 -11.23
N ALA A 7 -32.75 -24.55 -10.43
CA ALA A 7 -32.62 -23.53 -9.40
C ALA A 7 -31.48 -23.92 -8.45
N GLU A 8 -31.40 -25.19 -8.09
CA GLU A 8 -30.34 -25.65 -7.21
C GLU A 8 -28.97 -25.42 -7.86
N ARG A 9 -28.89 -25.74 -9.14
CA ARG A 9 -27.64 -25.53 -9.86
C ARG A 9 -27.29 -24.05 -9.91
N LEU A 10 -28.31 -23.24 -10.18
CA LEU A 10 -28.17 -21.79 -10.25
C LEU A 10 -27.73 -21.21 -8.92
N ARG A 11 -28.26 -21.76 -7.82
CA ARG A 11 -27.94 -21.30 -6.48
C ARG A 11 -26.45 -21.50 -6.17
N ARG A 12 -25.93 -22.66 -6.55
CA ARG A 12 -24.52 -22.98 -6.31
C ARG A 12 -23.61 -22.01 -7.06
N ILE A 13 -24.00 -21.69 -8.30
CA ILE A 13 -23.20 -20.80 -9.13
C ILE A 13 -23.11 -19.43 -8.47
N GLN A 14 -24.24 -18.93 -7.94
CA GLN A 14 -24.29 -17.63 -7.30
C GLN A 14 -23.36 -17.58 -6.09
N GLU A 15 -23.32 -18.66 -5.31
CA GLU A 15 -22.49 -18.75 -4.13
C GLU A 15 -21.00 -18.68 -4.49
N GLU A 16 -20.63 -19.37 -5.56
CA GLU A 16 -19.25 -19.39 -6.00
C GLU A 16 -18.78 -17.99 -6.40
N MET A 17 -19.65 -17.27 -7.11
CA MET A 17 -19.34 -15.92 -7.58
C MET A 17 -19.10 -14.99 -6.40
N GLU A 18 -19.91 -15.13 -5.35
CA GLU A 18 -19.79 -14.28 -4.17
C GLU A 18 -18.42 -14.48 -3.51
N LYS A 19 -17.99 -15.73 -3.41
CA LYS A 19 -16.70 -16.03 -2.79
C LYS A 19 -15.57 -15.38 -3.59
N GLU A 20 -15.67 -15.47 -4.92
CA GLU A 20 -14.66 -14.88 -5.80
C GLU A 20 -14.64 -13.37 -5.61
N ARG A 21 -15.83 -12.77 -5.51
CA ARG A 21 -15.93 -11.33 -5.36
C ARG A 21 -15.26 -10.91 -4.05
N LYS A 22 -15.49 -11.66 -2.98
CA LYS A 22 -14.90 -11.36 -1.68
C LYS A 22 -13.37 -11.44 -1.75
N ARG A 23 -12.89 -12.45 -2.45
CA ARG A 23 -11.45 -12.65 -2.58
C ARG A 23 -10.83 -11.46 -3.31
N ARG A 24 -11.50 -11.00 -4.36
CA ARG A 24 -11.00 -9.87 -5.12
C ARG A 24 -10.94 -8.63 -4.23
N GLU A 25 -11.99 -8.45 -3.43
CA GLU A 25 -12.05 -7.29 -2.54
C GLU A 25 -10.90 -7.36 -1.53
N GLU A 26 -10.65 -8.55 -1.01
CA GLU A 26 -9.57 -8.73 -0.04
C GLU A 26 -8.23 -8.41 -0.69
N ASP A 27 -8.04 -8.89 -1.92
CA ASP A 27 -6.81 -8.63 -2.65
C ASP A 27 -6.63 -7.15 -2.90
N GLU A 28 -7.73 -6.48 -3.26
CA GLU A 28 -7.69 -5.05 -3.53
C GLU A 28 -7.27 -4.30 -2.28
N GLN A 29 -7.83 -4.69 -1.14
CA GLN A 29 -7.50 -4.04 0.12
C GLN A 29 -6.01 -4.20 0.43
N ARG A 30 -5.50 -5.41 0.20
CA ARG A 30 -4.09 -5.69 0.47
C ARG A 30 -3.22 -4.83 -0.43
N ARG A 31 -3.61 -4.70 -1.69
CA ARG A 31 -2.85 -3.90 -2.65
C ARG A 31 -2.83 -2.43 -2.20
N ARG A 32 -3.97 -1.95 -1.75
CA ARG A 32 -4.07 -0.57 -1.30
C ARG A 32 -3.14 -0.36 -0.10
N LYS A 33 -3.15 -1.32 0.82
CA LYS A 33 -2.30 -1.23 2.00
C LYS A 33 -0.82 -1.23 1.60
N GLU A 34 -0.48 -2.09 0.65
CA GLU A 34 0.89 -2.19 0.19
C GLU A 34 1.35 -0.87 -0.41
N GLU A 35 0.48 -0.24 -1.20
CA GLU A 35 0.80 1.05 -1.81
C GLU A 35 1.03 2.12 -0.76
N GLU A 36 0.18 2.11 0.26
CA GLU A 36 0.27 3.07 1.36
C GLU A 36 1.58 2.88 2.10
N GLU A 37 1.94 1.62 2.36
CA GLU A 37 3.17 1.30 3.05
C GLU A 37 4.38 1.77 2.24
N ARG A 38 4.33 1.55 0.94
CA ARG A 38 5.44 1.96 0.08
C ARG A 38 5.58 3.48 0.14
N ARG A 39 4.46 4.18 0.07
CA ARG A 39 4.50 5.64 0.11
C ARG A 39 5.12 6.11 1.41
N MET A 40 4.76 5.46 2.51
CA MET A 40 5.28 5.85 3.82
C MET A 40 6.79 5.67 3.83
N LYS A 41 7.28 4.57 3.26
CA LYS A 41 8.71 4.31 3.20
C LYS A 41 9.40 5.38 2.38
N LEU A 42 8.79 5.75 1.26
CA LEU A 42 9.36 6.78 0.39
C LEU A 42 9.46 8.11 1.14
N GLU A 43 8.40 8.44 1.87
CA GLU A 43 8.37 9.68 2.64
C GLU A 43 9.46 9.67 3.70
N MET A 44 9.64 8.52 4.35
CA MET A 44 10.65 8.39 5.39
C MET A 44 12.05 8.62 4.81
N GLU A 45 12.31 8.09 3.62
CA GLU A 45 13.59 8.24 2.95
C GLU A 45 13.83 9.73 2.65
N ALA A 46 12.78 10.40 2.19
CA ALA A 46 12.89 11.82 1.86
C ALA A 46 13.26 12.62 3.11
N LYS A 47 12.63 12.28 4.23
CA LYS A 47 12.89 12.99 5.47
C LYS A 47 14.36 12.82 5.87
N ARG A 48 14.89 11.61 5.71
CA ARG A 48 16.29 11.34 6.04
C ARG A 48 17.20 12.15 5.14
N LYS A 49 16.84 12.23 3.86
CA LYS A 49 17.64 12.97 2.89
C LYS A 49 17.69 14.45 3.30
N GLN A 50 16.54 14.99 3.71
CA GLN A 50 16.47 16.38 4.13
C GLN A 50 17.35 16.60 5.36
N GLU A 51 17.28 15.65 6.29
CA GLU A 51 18.06 15.73 7.52
C GLU A 51 19.55 15.71 7.20
N GLU A 52 19.95 14.86 6.26
CA GLU A 52 21.34 14.74 5.86
C GLU A 52 21.84 16.06 5.29
N GLU A 53 21.02 16.72 4.48
CA GLU A 53 21.39 17.99 3.86
C GLU A 53 21.63 19.04 4.94
N GLU A 54 20.75 19.08 5.93
CA GLU A 54 20.87 20.03 7.04
C GLU A 54 22.16 19.79 7.81
N ARG A 55 22.48 18.52 8.03
CA ARG A 55 23.70 18.18 8.76
C ARG A 55 24.93 18.69 8.02
N LYS A 56 24.97 18.53 6.70
CA LYS A 56 26.08 18.99 5.88
C LYS A 56 26.20 20.50 5.98
N LYS A 57 25.06 21.19 5.93
CA LYS A 57 25.05 22.65 6.03
C LYS A 57 25.59 23.08 7.39
N ARG A 58 25.17 22.39 8.44
CA ARG A 58 25.63 22.70 9.79
C ARG A 58 27.13 22.50 9.91
N GLU A 59 27.63 21.42 9.32
CA GLU A 59 29.05 21.12 9.36
C GLU A 59 29.87 22.21 8.66
N ASP A 60 29.38 22.69 7.53
CA ASP A 60 30.06 23.73 6.77
C ASP A 60 30.16 25.01 7.57
N ASP A 61 29.09 25.37 8.28
CA ASP A 61 29.05 26.57 9.10
C ASP A 61 30.09 26.50 10.22
N GLU A 62 30.25 25.33 10.84
CA GLU A 62 31.22 25.11 11.91
C GLU A 62 32.65 25.27 11.43
N LYS A 63 32.94 24.76 10.24
CA LYS A 63 34.29 24.80 9.69
C LYS A 63 34.76 26.24 9.53
N ARG A 64 33.86 27.10 9.06
CA ARG A 64 34.23 28.49 8.90
C ARG A 64 34.31 29.20 10.25
N ILE A 65 34.18 28.45 11.34
CA ILE A 65 34.26 29.02 12.68
C ILE A 65 35.55 28.57 13.36
N GLN A 66 36.36 27.77 12.67
CA GLN A 66 37.62 27.28 13.24
C GLN A 66 37.37 26.69 14.63
N ALA A 67 36.75 25.51 14.64
CA ALA A 67 36.45 24.83 15.89
C ALA A 67 37.75 24.50 16.64
N GLU A 68 38.77 24.08 15.89
CA GLU A 68 40.05 23.73 16.47
C GLU A 68 40.65 24.93 17.20
N LYS A 1 -38.57 -31.36 -11.13
CA LYS A 1 -38.29 -31.46 -12.59
C LYS A 1 -36.78 -31.33 -12.81
N GLN A 2 -36.33 -31.68 -14.01
CA GLN A 2 -34.92 -31.59 -14.35
C GLN A 2 -34.45 -30.14 -14.33
N GLN A 3 -35.29 -29.25 -14.83
CA GLN A 3 -34.98 -27.83 -14.87
C GLN A 3 -34.82 -27.27 -13.46
N GLU A 4 -35.69 -27.73 -12.56
CA GLU A 4 -35.65 -27.26 -11.17
C GLU A 4 -34.33 -27.65 -10.51
N GLU A 5 -33.89 -28.88 -10.73
CA GLU A 5 -32.64 -29.37 -10.18
C GLU A 5 -31.46 -28.57 -10.72
N GLU A 6 -31.53 -28.28 -12.01
CA GLU A 6 -30.45 -27.52 -12.64
C GLU A 6 -30.34 -26.15 -12.00
N ALA A 7 -31.50 -25.54 -11.76
CA ALA A 7 -31.52 -24.20 -11.18
C ALA A 7 -30.83 -24.23 -9.81
N GLU A 8 -31.10 -25.27 -9.03
CA GLU A 8 -30.48 -25.40 -7.73
C GLU A 8 -28.96 -25.51 -7.87
N ARG A 9 -28.53 -26.32 -8.84
CA ARG A 9 -27.11 -26.46 -9.09
C ARG A 9 -26.50 -25.15 -9.54
N LEU A 10 -27.23 -24.46 -10.42
CA LEU A 10 -26.82 -23.17 -10.94
C LEU A 10 -26.72 -22.13 -9.83
N ARG A 11 -27.65 -22.20 -8.88
CA ARG A 11 -27.68 -21.26 -7.76
C ARG A 11 -26.43 -21.38 -6.89
N ARG A 12 -26.01 -22.61 -6.63
CA ARG A 12 -24.82 -22.86 -5.82
C ARG A 12 -23.57 -22.31 -6.48
N ILE A 13 -23.50 -22.52 -7.80
CA ILE A 13 -22.33 -22.08 -8.55
C ILE A 13 -22.19 -20.56 -8.47
N GLN A 14 -23.32 -19.86 -8.59
CA GLN A 14 -23.33 -18.40 -8.54
C GLN A 14 -22.84 -17.90 -7.19
N GLU A 15 -23.23 -18.58 -6.11
CA GLU A 15 -22.82 -18.21 -4.77
C GLU A 15 -21.31 -18.34 -4.58
N GLU A 16 -20.77 -19.42 -5.11
CA GLU A 16 -19.33 -19.66 -4.97
C GLU A 16 -18.53 -18.56 -5.66
N MET A 17 -18.98 -18.16 -6.83
CA MET A 17 -18.31 -17.12 -7.60
C MET A 17 -18.29 -15.81 -6.85
N GLU A 18 -19.40 -15.48 -6.18
CA GLU A 18 -19.50 -14.25 -5.42
C GLU A 18 -18.48 -14.23 -4.30
N LYS A 19 -18.32 -15.36 -3.61
CA LYS A 19 -17.36 -15.45 -2.52
C LYS A 19 -15.94 -15.22 -3.03
N GLU A 20 -15.63 -15.82 -4.18
CA GLU A 20 -14.32 -15.67 -4.79
C GLU A 20 -14.08 -14.21 -5.16
N ARG A 21 -15.11 -13.57 -5.70
CA ARG A 21 -15.00 -12.18 -6.12
C ARG A 21 -14.71 -11.30 -4.91
N LYS A 22 -15.38 -11.57 -3.80
CA LYS A 22 -15.17 -10.82 -2.57
C LYS A 22 -13.73 -10.99 -2.08
N ARG A 23 -13.24 -12.22 -2.15
CA ARG A 23 -11.88 -12.51 -1.71
C ARG A 23 -10.87 -11.73 -2.54
N ARG A 24 -11.10 -11.68 -3.84
CA ARG A 24 -10.21 -10.94 -4.74
C ARG A 24 -10.23 -9.46 -4.38
N GLU A 25 -11.42 -8.94 -4.10
CA GLU A 25 -11.57 -7.54 -3.75
C GLU A 25 -10.80 -7.24 -2.46
N GLU A 26 -10.92 -8.15 -1.49
CA GLU A 26 -10.23 -8.00 -0.21
C GLU A 26 -8.72 -7.99 -0.44
N ASP A 27 -8.25 -8.89 -1.29
CA ASP A 27 -6.83 -8.99 -1.60
C ASP A 27 -6.34 -7.70 -2.26
N GLU A 28 -7.16 -7.17 -3.17
CA GLU A 28 -6.79 -5.95 -3.87
C GLU A 28 -6.66 -4.79 -2.87
N GLN A 29 -7.58 -4.72 -1.93
CA GLN A 29 -7.55 -3.66 -0.93
C GLN A 29 -6.29 -3.76 -0.09
N ARG A 30 -5.93 -5.00 0.28
CA ARG A 30 -4.74 -5.22 1.08
C ARG A 30 -3.50 -4.78 0.30
N ARG A 31 -3.47 -5.12 -0.98
CA ARG A 31 -2.34 -4.76 -1.84
C ARG A 31 -2.22 -3.24 -1.91
N ARG A 32 -3.35 -2.57 -2.06
CA ARG A 32 -3.35 -1.12 -2.16
C ARG A 32 -2.81 -0.51 -0.88
N LYS A 33 -3.24 -1.05 0.26
CA LYS A 33 -2.78 -0.56 1.55
C LYS A 33 -1.28 -0.78 1.68
N GLU A 34 -0.81 -1.95 1.26
CA GLU A 34 0.60 -2.29 1.35
C GLU A 34 1.44 -1.31 0.52
N GLU A 35 0.95 -0.98 -0.67
CA GLU A 35 1.64 -0.03 -1.54
C GLU A 35 1.71 1.34 -0.89
N GLU A 36 0.60 1.75 -0.27
CA GLU A 36 0.54 3.04 0.39
C GLU A 36 1.54 3.09 1.55
N GLU A 37 1.60 1.99 2.31
CA GLU A 37 2.50 1.90 3.45
C GLU A 37 3.95 1.99 2.98
N ARG A 38 4.24 1.29 1.88
CA ARG A 38 5.60 1.29 1.34
C ARG A 38 5.97 2.71 0.91
N ARG A 39 5.04 3.39 0.26
CA ARG A 39 5.29 4.75 -0.20
C ARG A 39 5.59 5.65 1.00
N MET A 40 4.81 5.48 2.06
CA MET A 40 4.99 6.29 3.27
C MET A 40 6.38 6.08 3.84
N LYS A 41 6.83 4.82 3.86
CA LYS A 41 8.16 4.50 4.36
C LYS A 41 9.23 5.18 3.51
N LEU A 42 9.03 5.13 2.20
CA LEU A 42 9.98 5.74 1.28
C LEU A 42 10.07 7.25 1.52
N GLU A 43 8.91 7.86 1.73
CA GLU A 43 8.85 9.30 1.98
C GLU A 43 9.58 9.63 3.28
N MET A 44 9.39 8.79 4.29
CA MET A 44 10.02 9.00 5.59
C MET A 44 11.54 8.95 5.44
N GLU A 45 12.04 8.00 4.65
CA GLU A 45 13.47 7.86 4.42
C GLU A 45 14.02 9.10 3.74
N ALA A 46 13.27 9.63 2.77
CA ALA A 46 13.68 10.82 2.04
C ALA A 46 13.82 12.00 3.00
N LYS A 47 12.84 12.12 3.91
CA LYS A 47 12.84 13.22 4.86
C LYS A 47 14.10 13.13 5.72
N ARG A 48 14.45 11.93 6.15
CA ARG A 48 15.64 11.72 6.97
C ARG A 48 16.89 12.12 6.18
N LYS A 49 16.93 11.76 4.90
CA LYS A 49 18.06 12.09 4.06
C LYS A 49 18.21 13.60 3.96
N GLN A 50 17.10 14.30 3.80
CA GLN A 50 17.11 15.76 3.71
C GLN A 50 17.61 16.34 5.02
N GLU A 51 17.14 15.79 6.13
CA GLU A 51 17.52 16.26 7.46
C GLU A 51 19.03 16.07 7.65
N GLU A 52 19.54 14.92 7.20
CA GLU A 52 20.96 14.61 7.32
C GLU A 52 21.79 15.64 6.57
N GLU A 53 21.35 16.02 5.37
CA GLU A 53 22.07 16.97 4.53
C GLU A 53 22.15 18.31 5.26
N GLU A 54 21.05 18.72 5.88
CA GLU A 54 21.01 19.99 6.60
C GLU A 54 22.01 19.96 7.75
N ARG A 55 22.06 18.83 8.45
CA ARG A 55 22.96 18.69 9.59
C ARG A 55 24.40 18.88 9.16
N LYS A 56 24.78 18.29 8.02
CA LYS A 56 26.13 18.41 7.50
C LYS A 56 26.44 19.87 7.16
N LYS A 57 25.46 20.55 6.58
CA LYS A 57 25.63 21.97 6.23
C LYS A 57 25.82 22.80 7.49
N ARG A 58 25.04 22.51 8.52
CA ARG A 58 25.14 23.23 9.79
C ARG A 58 26.51 23.01 10.42
N GLU A 59 26.98 21.77 10.36
CA GLU A 59 28.28 21.43 10.93
C GLU A 59 29.39 22.21 10.25
N ASP A 60 29.32 22.34 8.93
CA ASP A 60 30.32 23.05 8.16
C ASP A 60 30.38 24.51 8.57
N ASP A 61 29.22 25.12 8.77
CA ASP A 61 29.11 26.51 9.18
C ASP A 61 29.76 26.73 10.53
N GLU A 62 29.60 25.78 11.45
CA GLU A 62 30.16 25.86 12.79
C GLU A 62 31.69 25.88 12.74
N LYS A 63 32.25 25.06 11.86
CA LYS A 63 33.71 24.95 11.78
C LYS A 63 34.32 26.29 11.43
N ARG A 64 33.70 26.99 10.49
CA ARG A 64 34.20 28.32 10.11
C ARG A 64 33.02 29.25 9.87
N ILE A 65 32.88 30.25 10.75
CA ILE A 65 31.78 31.20 10.61
C ILE A 65 31.92 31.97 9.31
N GLN A 66 33.13 32.45 9.02
CA GLN A 66 33.41 33.20 7.81
C GLN A 66 32.21 34.08 7.42
N ALA A 67 31.31 33.54 6.61
CA ALA A 67 30.11 34.26 6.18
C ALA A 67 28.97 33.28 5.97
N GLU A 68 27.75 33.76 6.21
CA GLU A 68 26.56 32.93 6.05
C GLU A 68 25.99 33.10 4.64
N LYS A 1 -37.90 -34.19 -9.30
CA LYS A 1 -36.87 -33.12 -9.22
C LYS A 1 -35.89 -33.26 -10.38
N GLN A 2 -34.89 -34.13 -10.21
CA GLN A 2 -33.89 -34.36 -11.24
C GLN A 2 -33.23 -33.04 -11.64
N GLN A 3 -33.79 -32.38 -12.65
CA GLN A 3 -33.26 -31.10 -13.13
C GLN A 3 -33.38 -30.04 -12.03
N GLU A 4 -34.48 -30.10 -11.29
CA GLU A 4 -34.71 -29.14 -10.21
C GLU A 4 -33.64 -29.27 -9.13
N GLU A 5 -33.27 -30.51 -8.81
CA GLU A 5 -32.25 -30.77 -7.81
C GLU A 5 -30.89 -30.22 -8.28
N GLU A 6 -30.62 -30.45 -9.56
CA GLU A 6 -29.34 -29.99 -10.10
C GLU A 6 -29.26 -28.47 -9.98
N ALA A 7 -30.37 -27.82 -10.28
CA ALA A 7 -30.39 -26.36 -10.25
C ALA A 7 -30.05 -25.88 -8.85
N GLU A 8 -30.60 -26.55 -7.84
CA GLU A 8 -30.32 -26.16 -6.46
C GLU A 8 -28.82 -26.30 -6.16
N ARG A 9 -28.26 -27.41 -6.63
CA ARG A 9 -26.83 -27.64 -6.42
C ARG A 9 -26.01 -26.55 -7.13
N LEU A 10 -26.44 -26.22 -8.35
CA LEU A 10 -25.79 -25.21 -9.17
C LEU A 10 -25.87 -23.85 -8.50
N ARG A 11 -27.00 -23.53 -7.87
CA ARG A 11 -27.20 -22.26 -7.19
C ARG A 11 -26.21 -22.08 -6.03
N ARG A 12 -25.99 -23.14 -5.26
CA ARG A 12 -25.07 -23.10 -4.14
C ARG A 12 -23.65 -22.83 -4.61
N ILE A 13 -23.28 -23.47 -5.71
CA ILE A 13 -21.94 -23.31 -6.24
C ILE A 13 -21.71 -21.85 -6.65
N GLN A 14 -22.69 -21.24 -7.29
CA GLN A 14 -22.59 -19.86 -7.74
C GLN A 14 -22.39 -18.92 -6.56
N GLU A 15 -23.09 -19.17 -5.47
CA GLU A 15 -22.99 -18.35 -4.26
C GLU A 15 -21.58 -18.42 -3.66
N GLU A 16 -21.03 -19.62 -3.63
CA GLU A 16 -19.70 -19.81 -3.06
C GLU A 16 -18.66 -19.02 -3.86
N MET A 17 -18.79 -19.06 -5.18
CA MET A 17 -17.85 -18.37 -6.07
C MET A 17 -17.89 -16.86 -5.81
N GLU A 18 -19.08 -16.32 -5.60
CA GLU A 18 -19.23 -14.88 -5.36
C GLU A 18 -18.49 -14.48 -4.08
N LYS A 19 -18.60 -15.30 -3.04
CA LYS A 19 -17.94 -15.00 -1.77
C LYS A 19 -16.43 -14.99 -1.97
N GLU A 20 -15.92 -15.96 -2.73
CA GLU A 20 -14.50 -16.03 -3.02
C GLU A 20 -14.05 -14.80 -3.80
N ARG A 21 -14.86 -14.40 -4.77
CA ARG A 21 -14.54 -13.23 -5.58
C ARG A 21 -14.44 -11.99 -4.71
N LYS A 22 -15.38 -11.84 -3.78
CA LYS A 22 -15.39 -10.69 -2.88
C LYS A 22 -14.13 -10.70 -2.01
N ARG A 23 -13.75 -11.87 -1.54
CA ARG A 23 -12.56 -11.99 -0.70
C ARG A 23 -11.32 -11.56 -1.47
N ARG A 24 -11.24 -11.98 -2.72
CA ARG A 24 -10.10 -11.61 -3.54
C ARG A 24 -10.04 -10.09 -3.73
N GLU A 25 -11.20 -9.49 -3.97
CA GLU A 25 -11.27 -8.06 -4.17
C GLU A 25 -10.81 -7.34 -2.91
N GLU A 26 -11.25 -7.83 -1.75
CA GLU A 26 -10.88 -7.24 -0.48
C GLU A 26 -9.37 -7.33 -0.29
N ASP A 27 -8.80 -8.48 -0.61
CA ASP A 27 -7.36 -8.69 -0.50
C ASP A 27 -6.60 -7.76 -1.43
N GLU A 28 -7.12 -7.59 -2.64
CA GLU A 28 -6.48 -6.71 -3.62
C GLU A 28 -6.47 -5.29 -3.10
N GLN A 29 -7.59 -4.86 -2.52
CA GLN A 29 -7.69 -3.50 -1.99
C GLN A 29 -6.68 -3.30 -0.86
N ARG A 30 -6.57 -4.30 0.01
CA ARG A 30 -5.63 -4.23 1.12
C ARG A 30 -4.20 -4.12 0.60
N ARG A 31 -3.89 -4.91 -0.42
CA ARG A 31 -2.55 -4.89 -1.01
C ARG A 31 -2.26 -3.51 -1.60
N ARG A 32 -3.26 -2.94 -2.27
CA ARG A 32 -3.08 -1.63 -2.88
C ARG A 32 -2.81 -0.59 -1.79
N LYS A 33 -3.57 -0.68 -0.71
CA LYS A 33 -3.40 0.25 0.41
C LYS A 33 -2.01 0.09 1.00
N GLU A 34 -1.58 -1.16 1.16
CA GLU A 34 -0.27 -1.43 1.74
C GLU A 34 0.83 -0.84 0.87
N GLU A 35 0.69 -0.98 -0.44
CA GLU A 35 1.67 -0.43 -1.38
C GLU A 35 1.74 1.09 -1.27
N GLU A 36 0.57 1.70 -1.17
CA GLU A 36 0.49 3.15 -1.05
C GLU A 36 1.17 3.62 0.23
N GLU A 37 0.92 2.90 1.32
CA GLU A 37 1.53 3.24 2.60
C GLU A 37 3.05 3.12 2.53
N ARG A 38 3.52 2.07 1.86
CA ARG A 38 4.96 1.87 1.73
C ARG A 38 5.57 3.04 0.96
N ARG A 39 4.90 3.44 -0.12
CA ARG A 39 5.40 4.53 -0.94
C ARG A 39 5.50 5.81 -0.11
N MET A 40 4.48 6.05 0.72
CA MET A 40 4.46 7.25 1.54
C MET A 40 5.65 7.24 2.50
N LYS A 41 5.94 6.08 3.08
CA LYS A 41 7.07 5.95 4.01
C LYS A 41 8.37 6.24 3.28
N LEU A 42 8.51 5.71 2.07
CA LEU A 42 9.72 5.92 1.28
C LEU A 42 9.88 7.41 0.97
N GLU A 43 8.79 8.06 0.60
CA GLU A 43 8.81 9.48 0.29
C GLU A 43 9.21 10.28 1.52
N MET A 44 8.67 9.88 2.68
CA MET A 44 8.96 10.57 3.92
C MET A 44 10.46 10.47 4.24
N GLU A 45 11.04 9.28 4.04
CA GLU A 45 12.45 9.05 4.28
C GLU A 45 13.28 9.94 3.36
N ALA A 46 12.88 10.04 2.10
CA ALA A 46 13.59 10.86 1.13
C ALA A 46 13.58 12.31 1.57
N LYS A 47 12.43 12.78 2.05
CA LYS A 47 12.30 14.16 2.49
C LYS A 47 13.27 14.42 3.64
N ARG A 48 13.35 13.48 4.58
CA ARG A 48 14.25 13.61 5.72
C ARG A 48 15.69 13.68 5.24
N LYS A 49 16.02 12.83 4.26
CA LYS A 49 17.37 12.79 3.73
C LYS A 49 17.72 14.14 3.12
N GLN A 50 16.78 14.72 2.38
CA GLN A 50 16.99 16.02 1.76
C GLN A 50 17.22 17.08 2.83
N GLU A 51 16.40 17.02 3.88
CA GLU A 51 16.49 17.97 4.98
C GLU A 51 17.86 17.86 5.66
N GLU A 52 18.34 16.64 5.85
CA GLU A 52 19.62 16.40 6.49
C GLU A 52 20.75 17.02 5.67
N GLU A 53 20.68 16.89 4.35
CA GLU A 53 21.69 17.46 3.46
C GLU A 53 21.73 18.97 3.59
N GLU A 54 20.56 19.60 3.64
CA GLU A 54 20.47 21.04 3.78
C GLU A 54 21.09 21.49 5.09
N ARG A 55 20.82 20.74 6.15
CA ARG A 55 21.35 21.08 7.46
C ARG A 55 22.88 21.05 7.44
N LYS A 56 23.47 20.05 6.81
CA LYS A 56 24.92 19.94 6.70
C LYS A 56 25.49 21.12 5.94
N LYS A 57 24.81 21.49 4.86
CA LYS A 57 25.25 22.63 4.05
C LYS A 57 25.20 23.92 4.88
N ARG A 58 24.12 24.08 5.63
CA ARG A 58 23.96 25.27 6.47
C ARG A 58 25.04 25.33 7.52
N GLU A 59 25.33 24.19 8.13
CA GLU A 59 26.37 24.11 9.16
C GLU A 59 27.73 24.48 8.60
N ASP A 60 28.03 24.01 7.40
CA ASP A 60 29.31 24.30 6.75
C ASP A 60 29.47 25.80 6.50
N ASP A 61 28.39 26.44 6.05
CA ASP A 61 28.39 27.87 5.77
C ASP A 61 28.68 28.67 7.02
N GLU A 62 28.12 28.28 8.16
CA GLU A 62 28.32 28.94 9.44
C GLU A 62 29.77 28.85 9.91
N LYS A 63 30.38 27.69 9.73
CA LYS A 63 31.74 27.47 10.19
C LYS A 63 32.71 28.42 9.50
N ARG A 64 32.51 28.61 8.20
CA ARG A 64 33.39 29.54 7.48
C ARG A 64 33.05 30.99 7.81
N ILE A 65 32.14 31.21 8.77
CA ILE A 65 31.78 32.56 9.16
C ILE A 65 32.48 32.93 10.46
N GLN A 66 32.37 32.05 11.45
CA GLN A 66 33.00 32.29 12.75
C GLN A 66 34.51 32.35 12.62
N ALA A 67 35.06 31.46 11.79
CA ALA A 67 36.50 31.40 11.59
C ALA A 67 36.81 31.10 10.13
N GLU A 68 37.92 31.65 9.64
CA GLU A 68 38.33 31.44 8.26
C GLU A 68 39.60 30.60 8.21
N LYS A 1 -38.88 -38.57 -10.99
CA LYS A 1 -37.45 -38.25 -10.75
C LYS A 1 -37.35 -36.85 -10.15
N GLN A 2 -36.26 -36.62 -9.42
CA GLN A 2 -36.03 -35.33 -8.79
C GLN A 2 -35.71 -34.27 -9.84
N GLN A 3 -36.41 -33.13 -9.74
CA GLN A 3 -36.20 -32.05 -10.69
C GLN A 3 -34.80 -31.46 -10.54
N GLU A 4 -34.31 -31.40 -9.31
CA GLU A 4 -32.99 -30.84 -9.03
C GLU A 4 -32.90 -29.39 -9.48
N GLU A 5 -34.05 -28.76 -9.69
CA GLU A 5 -34.07 -27.36 -10.11
C GLU A 5 -33.47 -26.47 -9.03
N GLU A 6 -33.82 -26.78 -7.79
CA GLU A 6 -33.30 -25.98 -6.69
C GLU A 6 -31.78 -26.06 -6.66
N ALA A 7 -31.27 -27.27 -6.86
CA ALA A 7 -29.82 -27.48 -6.82
C ALA A 7 -29.17 -26.61 -7.89
N GLU A 8 -29.76 -26.54 -9.07
CA GLU A 8 -29.22 -25.72 -10.14
C GLU A 8 -29.20 -24.25 -9.72
N ARG A 9 -30.30 -23.82 -9.11
CA ARG A 9 -30.38 -22.43 -8.64
C ARG A 9 -29.33 -22.18 -7.55
N LEU A 10 -29.21 -23.14 -6.65
CA LEU A 10 -28.26 -23.08 -5.55
C LEU A 10 -26.83 -23.04 -6.08
N ARG A 11 -26.56 -23.79 -7.13
CA ARG A 11 -25.23 -23.85 -7.73
C ARG A 11 -24.80 -22.50 -8.27
N ARG A 12 -25.72 -21.80 -8.95
CA ARG A 12 -25.43 -20.49 -9.51
C ARG A 12 -25.11 -19.48 -8.41
N ILE A 13 -25.86 -19.56 -7.33
CA ILE A 13 -25.67 -18.63 -6.22
C ILE A 13 -24.27 -18.80 -5.63
N GLN A 14 -23.83 -20.05 -5.47
CA GLN A 14 -22.52 -20.35 -4.92
C GLN A 14 -21.42 -19.77 -5.79
N GLU A 15 -21.58 -19.86 -7.11
CA GLU A 15 -20.60 -19.35 -8.05
C GLU A 15 -20.46 -17.83 -7.95
N GLU A 16 -21.59 -17.16 -7.81
CA GLU A 16 -21.59 -15.70 -7.71
C GLU A 16 -20.83 -15.24 -6.48
N MET A 17 -21.06 -15.93 -5.37
CA MET A 17 -20.40 -15.59 -4.10
C MET A 17 -18.89 -15.73 -4.24
N GLU A 18 -18.42 -16.76 -4.93
CA GLU A 18 -17.00 -16.98 -5.11
C GLU A 18 -16.37 -15.83 -5.87
N LYS A 19 -17.05 -15.34 -6.90
CA LYS A 19 -16.53 -14.24 -7.69
C LYS A 19 -16.39 -12.99 -6.82
N GLU A 20 -17.40 -12.75 -5.99
CA GLU A 20 -17.39 -11.60 -5.09
C GLU A 20 -16.24 -11.71 -4.10
N ARG A 21 -16.05 -12.92 -3.57
CA ARG A 21 -14.99 -13.17 -2.60
C ARG A 21 -13.63 -12.89 -3.22
N LYS A 22 -13.44 -13.33 -4.46
CA LYS A 22 -12.19 -13.10 -5.17
C LYS A 22 -11.94 -11.61 -5.38
N ARG A 23 -13.01 -10.89 -5.73
CA ARG A 23 -12.90 -9.46 -5.96
C ARG A 23 -12.46 -8.75 -4.68
N ARG A 24 -13.05 -9.16 -3.56
CA ARG A 24 -12.70 -8.56 -2.28
C ARG A 24 -11.22 -8.81 -1.98
N GLU A 25 -10.77 -10.04 -2.24
CA GLU A 25 -9.39 -10.40 -1.98
C GLU A 25 -8.46 -9.54 -2.83
N GLU A 26 -8.83 -9.36 -4.09
CA GLU A 26 -8.03 -8.55 -5.00
C GLU A 26 -7.95 -7.11 -4.51
N ASP A 27 -9.09 -6.58 -4.07
CA ASP A 27 -9.17 -5.23 -3.54
C ASP A 27 -8.29 -5.09 -2.31
N GLU A 28 -8.35 -6.10 -1.45
CA GLU A 28 -7.56 -6.10 -0.22
C GLU A 28 -6.07 -6.05 -0.56
N GLN A 29 -5.67 -6.85 -1.54
CA GLN A 29 -4.28 -6.90 -1.95
C GLN A 29 -3.84 -5.53 -2.47
N ARG A 30 -4.70 -4.90 -3.26
CA ARG A 30 -4.41 -3.58 -3.80
C ARG A 30 -4.23 -2.57 -2.68
N ARG A 31 -5.11 -2.64 -1.68
CA ARG A 31 -5.05 -1.73 -0.55
C ARG A 31 -3.73 -1.92 0.20
N ARG A 32 -3.34 -3.18 0.38
CA ARG A 32 -2.10 -3.48 1.10
C ARG A 32 -0.92 -2.89 0.34
N LYS A 33 -0.93 -3.05 -0.98
CA LYS A 33 0.14 -2.52 -1.82
C LYS A 33 0.18 -1.00 -1.71
N GLU A 34 -0.99 -0.38 -1.74
CA GLU A 34 -1.08 1.07 -1.65
C GLU A 34 -0.51 1.57 -0.33
N GLU A 35 -0.82 0.87 0.76
CA GLU A 35 -0.31 1.24 2.08
C GLU A 35 1.22 1.13 2.11
N GLU A 36 1.73 0.05 1.52
CA GLU A 36 3.16 -0.18 1.50
C GLU A 36 3.86 0.94 0.70
N GLU A 37 3.26 1.31 -0.42
CA GLU A 37 3.82 2.37 -1.26
C GLU A 37 3.85 3.69 -0.50
N ARG A 38 2.76 3.97 0.22
CA ARG A 38 2.67 5.20 0.99
C ARG A 38 3.77 5.23 2.05
N ARG A 39 3.96 4.09 2.72
CA ARG A 39 4.97 4.02 3.76
C ARG A 39 6.35 4.28 3.17
N MET A 40 6.61 3.71 1.99
CA MET A 40 7.89 3.88 1.33
C MET A 40 8.13 5.35 1.02
N LYS A 41 7.08 6.03 0.55
CA LYS A 41 7.18 7.45 0.24
C LYS A 41 7.51 8.24 1.51
N LEU A 42 6.85 7.88 2.61
CA LEU A 42 7.08 8.57 3.87
C LEU A 42 8.52 8.38 4.32
N GLU A 43 9.03 7.16 4.18
CA GLU A 43 10.40 6.86 4.54
C GLU A 43 11.37 7.67 3.69
N MET A 44 11.07 7.76 2.40
CA MET A 44 11.91 8.51 1.47
C MET A 44 11.98 9.97 1.88
N GLU A 45 10.84 10.55 2.25
CA GLU A 45 10.77 11.93 2.68
C GLU A 45 11.61 12.14 3.94
N ALA A 46 11.53 11.19 4.86
CA ALA A 46 12.27 11.27 6.11
C ALA A 46 13.77 11.28 5.81
N LYS A 47 14.18 10.43 4.89
CA LYS A 47 15.60 10.35 4.53
C LYS A 47 16.06 11.69 3.99
N ARG A 48 15.25 12.33 3.15
CA ARG A 48 15.59 13.62 2.59
C ARG A 48 15.72 14.66 3.70
N LYS A 49 14.81 14.60 4.66
CA LYS A 49 14.83 15.54 5.77
C LYS A 49 16.12 15.38 6.56
N GLN A 50 16.52 14.13 6.81
CA GLN A 50 17.75 13.86 7.54
C GLN A 50 18.95 14.38 6.75
N GLU A 51 18.94 14.15 5.45
CA GLU A 51 20.02 14.60 4.59
C GLU A 51 20.13 16.12 4.62
N GLU A 52 18.98 16.79 4.60
CA GLU A 52 18.93 18.25 4.62
C GLU A 52 19.56 18.78 5.91
N GLU A 53 19.27 18.12 7.03
CA GLU A 53 19.81 18.53 8.32
C GLU A 53 21.32 18.43 8.33
N GLU A 54 21.85 17.34 7.76
CA GLU A 54 23.28 17.12 7.69
C GLU A 54 23.95 18.21 6.86
N ARG A 55 23.30 18.57 5.75
CA ARG A 55 23.85 19.59 4.86
C ARG A 55 23.97 20.92 5.60
N LYS A 56 22.95 21.28 6.38
CA LYS A 56 22.95 22.52 7.15
C LYS A 56 24.09 22.50 8.17
N LYS A 57 24.27 21.36 8.81
CA LYS A 57 25.33 21.21 9.80
C LYS A 57 26.70 21.40 9.15
N ARG A 58 26.86 20.78 7.97
CA ARG A 58 28.13 20.88 7.24
C ARG A 58 28.40 22.33 6.85
N GLU A 59 27.36 23.02 6.41
CA GLU A 59 27.49 24.41 5.99
C GLU A 59 27.93 25.29 7.15
N ASP A 60 27.35 25.06 8.33
CA ASP A 60 27.67 25.83 9.52
C ASP A 60 29.14 25.66 9.91
N ASP A 61 29.63 24.43 9.83
CA ASP A 61 31.01 24.11 10.17
C ASP A 61 31.98 24.85 9.24
N GLU A 62 31.66 24.93 7.96
CA GLU A 62 32.48 25.61 6.96
C GLU A 62 32.57 27.11 7.23
N LYS A 63 31.44 27.71 7.62
CA LYS A 63 31.38 29.15 7.84
C LYS A 63 32.32 29.57 8.96
N ARG A 64 32.35 28.77 10.02
CA ARG A 64 33.23 29.08 11.14
C ARG A 64 34.68 28.71 10.83
N ILE A 65 34.95 28.29 9.60
CA ILE A 65 36.30 27.93 9.18
C ILE A 65 36.60 28.50 7.80
N GLN A 66 35.69 29.30 7.25
CA GLN A 66 35.86 29.88 5.92
C GLN A 66 36.37 28.83 4.94
N ALA A 67 35.78 27.64 5.01
CA ALA A 67 36.18 26.54 4.11
C ALA A 67 35.91 26.92 2.66
N GLU A 68 34.79 27.61 2.44
CA GLU A 68 34.40 28.03 1.10
C GLU A 68 34.84 29.47 0.83
N LYS A 1 -38.15 -31.52 -10.88
CA LYS A 1 -37.41 -32.80 -11.07
C LYS A 1 -36.11 -32.76 -10.29
N GLN A 2 -35.45 -33.91 -10.17
CA GLN A 2 -34.20 -34.00 -9.44
C GLN A 2 -33.13 -33.11 -10.08
N GLN A 3 -33.09 -33.12 -11.42
CA GLN A 3 -32.12 -32.31 -12.15
C GLN A 3 -32.37 -30.82 -11.90
N GLU A 4 -33.65 -30.44 -11.88
CA GLU A 4 -34.02 -29.04 -11.65
C GLU A 4 -33.56 -28.59 -10.26
N GLU A 5 -33.73 -29.47 -9.27
CA GLU A 5 -33.33 -29.16 -7.91
C GLU A 5 -31.82 -28.98 -7.82
N GLU A 6 -31.12 -29.87 -8.51
CA GLU A 6 -29.65 -29.80 -8.47
C GLU A 6 -29.21 -28.46 -9.04
N ALA A 7 -29.84 -28.06 -10.15
CA ALA A 7 -29.46 -26.82 -10.80
C ALA A 7 -29.63 -25.66 -9.82
N GLU A 8 -30.73 -25.66 -9.06
CA GLU A 8 -30.96 -24.60 -8.09
C GLU A 8 -29.85 -24.61 -7.04
N ARG A 9 -29.50 -25.80 -6.58
CA ARG A 9 -28.43 -25.92 -5.59
C ARG A 9 -27.12 -25.41 -6.18
N LEU A 10 -26.87 -25.82 -7.42
CA LEU A 10 -25.66 -25.44 -8.16
C LEU A 10 -25.59 -23.93 -8.35
N ARG A 11 -26.74 -23.30 -8.61
CA ARG A 11 -26.80 -21.86 -8.82
C ARG A 11 -26.39 -21.09 -7.56
N ARG A 12 -26.85 -21.55 -6.41
CA ARG A 12 -26.52 -20.91 -5.14
C ARG A 12 -25.03 -20.99 -4.86
N ILE A 13 -24.45 -22.15 -5.16
CA ILE A 13 -23.02 -22.34 -4.92
C ILE A 13 -22.22 -21.37 -5.75
N GLN A 14 -22.59 -21.19 -7.01
CA GLN A 14 -21.89 -20.29 -7.92
C GLN A 14 -21.93 -18.85 -7.42
N GLU A 15 -23.07 -18.43 -6.87
CA GLU A 15 -23.24 -17.09 -6.34
C GLU A 15 -22.32 -16.84 -5.14
N GLU A 16 -22.21 -17.85 -4.28
CA GLU A 16 -21.37 -17.71 -3.09
C GLU A 16 -19.91 -17.52 -3.48
N MET A 17 -19.47 -18.27 -4.49
CA MET A 17 -18.10 -18.20 -4.97
C MET A 17 -17.79 -16.80 -5.50
N GLU A 18 -18.73 -16.21 -6.23
CA GLU A 18 -18.55 -14.87 -6.79
C GLU A 18 -18.35 -13.84 -5.67
N LYS A 19 -19.15 -13.95 -4.62
CA LYS A 19 -19.05 -13.02 -3.50
C LYS A 19 -17.67 -13.13 -2.85
N GLU A 20 -17.21 -14.37 -2.67
CA GLU A 20 -15.90 -14.62 -2.08
C GLU A 20 -14.81 -14.04 -2.97
N ARG A 21 -14.96 -14.24 -4.28
CA ARG A 21 -13.98 -13.74 -5.24
C ARG A 21 -13.89 -12.22 -5.16
N LYS A 22 -15.04 -11.56 -5.06
CA LYS A 22 -15.07 -10.10 -4.96
C LYS A 22 -14.37 -9.62 -3.69
N ARG A 23 -14.60 -10.34 -2.59
CA ARG A 23 -13.98 -9.99 -1.33
C ARG A 23 -12.47 -10.09 -1.42
N ARG A 24 -11.99 -11.14 -2.08
CA ARG A 24 -10.55 -11.33 -2.24
C ARG A 24 -9.96 -10.18 -3.05
N GLU A 25 -10.67 -9.80 -4.11
CA GLU A 25 -10.21 -8.70 -4.96
C GLU A 25 -10.12 -7.41 -4.17
N GLU A 26 -11.13 -7.16 -3.33
CA GLU A 26 -11.15 -5.95 -2.52
C GLU A 26 -9.96 -5.95 -1.56
N ASP A 27 -9.70 -7.11 -0.94
CA ASP A 27 -8.60 -7.25 -0.01
C ASP A 27 -7.26 -7.00 -0.72
N GLU A 28 -7.14 -7.54 -1.93
CA GLU A 28 -5.92 -7.37 -2.70
C GLU A 28 -5.69 -5.90 -3.01
N GLN A 29 -6.76 -5.20 -3.39
CA GLN A 29 -6.66 -3.79 -3.71
C GLN A 29 -6.21 -2.99 -2.49
N ARG A 30 -6.77 -3.33 -1.34
CA ARG A 30 -6.42 -2.66 -0.09
C ARG A 30 -4.95 -2.87 0.22
N ARG A 31 -4.48 -4.10 0.01
CA ARG A 31 -3.08 -4.44 0.27
C ARG A 31 -2.17 -3.62 -0.65
N ARG A 32 -2.56 -3.50 -1.91
CA ARG A 32 -1.77 -2.73 -2.86
C ARG A 32 -1.69 -1.28 -2.42
N LYS A 33 -2.82 -0.74 -1.97
CA LYS A 33 -2.86 0.65 -1.50
C LYS A 33 -1.97 0.82 -0.28
N GLU A 34 -2.02 -0.16 0.62
CA GLU A 34 -1.22 -0.11 1.83
C GLU A 34 0.27 -0.10 1.48
N GLU A 35 0.66 -0.93 0.51
CA GLU A 35 2.06 -0.99 0.08
C GLU A 35 2.50 0.35 -0.51
N GLU A 36 1.63 0.95 -1.30
CA GLU A 36 1.92 2.24 -1.91
C GLU A 36 2.11 3.30 -0.84
N GLU A 37 1.24 3.29 0.16
CA GLU A 37 1.33 4.24 1.25
C GLU A 37 2.63 4.08 2.01
N ARG A 38 3.02 2.82 2.24
CA ARG A 38 4.26 2.55 2.97
C ARG A 38 5.44 3.09 2.17
N ARG A 39 5.43 2.84 0.86
CA ARG A 39 6.51 3.31 0.02
C ARG A 39 6.61 4.83 0.07
N MET A 40 5.46 5.50 0.03
CA MET A 40 5.44 6.95 0.08
C MET A 40 6.05 7.44 1.39
N LYS A 41 5.71 6.78 2.49
CA LYS A 41 6.25 7.15 3.79
C LYS A 41 7.78 6.97 3.81
N LEU A 42 8.24 5.87 3.22
CA LEU A 42 9.67 5.60 3.17
C LEU A 42 10.38 6.68 2.37
N GLU A 43 9.78 7.06 1.23
CA GLU A 43 10.35 8.08 0.37
C GLU A 43 10.42 9.41 1.11
N MET A 44 9.36 9.72 1.85
CA MET A 44 9.30 10.97 2.61
C MET A 44 10.42 11.02 3.64
N GLU A 45 10.66 9.89 4.32
CA GLU A 45 11.71 9.81 5.32
C GLU A 45 13.08 10.03 4.67
N ALA A 46 13.28 9.46 3.49
CA ALA A 46 14.53 9.61 2.78
C ALA A 46 14.76 11.07 2.44
N LYS A 47 13.69 11.74 2.00
CA LYS A 47 13.80 13.15 1.63
C LYS A 47 14.23 13.97 2.85
N ARG A 48 13.63 13.67 4.01
CA ARG A 48 13.98 14.38 5.24
C ARG A 48 15.44 14.13 5.59
N LYS A 49 15.88 12.89 5.44
CA LYS A 49 17.26 12.53 5.75
C LYS A 49 18.21 13.32 4.85
N GLN A 50 17.88 13.42 3.58
CA GLN A 50 18.69 14.17 2.63
C GLN A 50 18.74 15.64 3.05
N GLU A 51 17.59 16.17 3.42
CA GLU A 51 17.48 17.57 3.83
C GLU A 51 18.33 17.83 5.06
N GLU A 52 18.30 16.89 6.01
CA GLU A 52 19.08 17.01 7.24
C GLU A 52 20.57 17.06 6.93
N GLU A 53 21.02 16.23 5.99
CA GLU A 53 22.44 16.18 5.61
C GLU A 53 22.85 17.53 5.04
N GLU A 54 22.01 18.11 4.20
CA GLU A 54 22.30 19.40 3.58
C GLU A 54 22.43 20.48 4.65
N ARG A 55 21.54 20.43 5.64
CA ARG A 55 21.55 21.43 6.71
C ARG A 55 22.87 21.36 7.48
N LYS A 56 23.35 20.16 7.77
CA LYS A 56 24.61 19.96 8.48
C LYS A 56 25.76 20.53 7.67
N LYS A 57 25.73 20.28 6.36
CA LYS A 57 26.78 20.79 5.47
C LYS A 57 26.77 22.31 5.46
N ARG A 58 25.58 22.89 5.40
CA ARG A 58 25.42 24.34 5.39
C ARG A 58 25.96 24.94 6.68
N GLU A 59 25.64 24.29 7.80
CA GLU A 59 26.08 24.76 9.11
C GLU A 59 27.61 24.76 9.20
N ASP A 60 28.24 23.70 8.67
CA ASP A 60 29.69 23.56 8.69
C ASP A 60 30.35 24.68 7.91
N ASP A 61 29.79 25.01 6.76
CA ASP A 61 30.32 26.08 5.91
C ASP A 61 30.27 27.43 6.62
N GLU A 62 29.20 27.71 7.35
CA GLU A 62 29.04 28.95 8.11
C GLU A 62 30.06 29.08 9.24
N LYS A 63 30.30 27.97 9.94
CA LYS A 63 31.22 27.97 11.07
C LYS A 63 32.62 28.35 10.63
N ARG A 64 33.05 27.81 9.49
CA ARG A 64 34.37 28.15 9.00
C ARG A 64 34.40 29.53 8.35
N ILE A 65 33.31 30.28 8.51
CA ILE A 65 33.20 31.63 7.92
C ILE A 65 33.60 31.63 6.46
N GLN A 66 33.31 30.52 5.76
CA GLN A 66 33.65 30.40 4.35
C GLN A 66 35.10 30.79 4.12
N ALA A 67 35.93 30.65 5.15
CA ALA A 67 37.34 31.00 5.05
C ALA A 67 38.17 30.13 5.99
N GLU A 68 39.45 29.95 5.64
CA GLU A 68 40.34 29.14 6.45
C GLU A 68 41.77 29.23 5.92
N LYS A 1 -34.73 -34.30 -12.72
CA LYS A 1 -35.35 -34.72 -11.43
C LYS A 1 -35.09 -33.65 -10.38
N GLN A 2 -35.61 -33.86 -9.18
CA GLN A 2 -35.44 -32.91 -8.09
C GLN A 2 -33.95 -32.75 -7.74
N GLN A 3 -33.25 -33.89 -7.69
CA GLN A 3 -31.83 -33.87 -7.37
C GLN A 3 -31.06 -33.13 -8.46
N GLU A 4 -31.43 -33.36 -9.70
CA GLU A 4 -30.77 -32.72 -10.84
C GLU A 4 -30.96 -31.21 -10.77
N GLU A 5 -32.17 -30.77 -10.45
CA GLU A 5 -32.47 -29.34 -10.35
C GLU A 5 -31.66 -28.72 -9.23
N GLU A 6 -31.59 -29.45 -8.12
CA GLU A 6 -30.85 -28.91 -6.97
C GLU A 6 -29.39 -28.69 -7.38
N ALA A 7 -28.84 -29.66 -8.09
CA ALA A 7 -27.44 -29.56 -8.49
C ALA A 7 -27.24 -28.31 -9.34
N GLU A 8 -28.16 -28.03 -10.25
CA GLU A 8 -28.06 -26.84 -11.08
C GLU A 8 -28.09 -25.58 -10.22
N ARG A 9 -29.00 -25.58 -9.25
CA ARG A 9 -29.09 -24.44 -8.34
C ARG A 9 -27.81 -24.30 -7.53
N LEU A 10 -27.32 -25.45 -7.06
CA LEU A 10 -26.09 -25.53 -6.27
C LEU A 10 -24.89 -25.06 -7.08
N ARG A 11 -24.87 -25.40 -8.36
CA ARG A 11 -23.77 -25.02 -9.24
C ARG A 11 -23.67 -23.50 -9.39
N ARG A 12 -24.82 -22.85 -9.53
CA ARG A 12 -24.86 -21.40 -9.67
C ARG A 12 -24.33 -20.72 -8.41
N ILE A 13 -24.71 -21.27 -7.26
CA ILE A 13 -24.29 -20.69 -5.99
C ILE A 13 -22.77 -20.74 -5.88
N GLN A 14 -22.16 -21.87 -6.27
CA GLN A 14 -20.71 -22.05 -6.20
C GLN A 14 -20.00 -21.02 -7.08
N GLU A 15 -20.54 -20.75 -8.26
CA GLU A 15 -19.96 -19.78 -9.18
C GLU A 15 -19.98 -18.37 -8.60
N GLU A 16 -21.09 -18.03 -7.95
CA GLU A 16 -21.21 -16.70 -7.36
C GLU A 16 -20.17 -16.48 -6.27
N MET A 17 -19.95 -17.51 -5.46
CA MET A 17 -18.99 -17.45 -4.37
C MET A 17 -17.59 -17.22 -4.91
N GLU A 18 -17.25 -17.88 -6.02
CA GLU A 18 -15.92 -17.73 -6.62
C GLU A 18 -15.69 -16.29 -7.07
N LYS A 19 -16.70 -15.68 -7.67
CA LYS A 19 -16.58 -14.31 -8.13
C LYS A 19 -16.34 -13.37 -6.95
N GLU A 20 -17.09 -13.60 -5.86
CA GLU A 20 -16.95 -12.80 -4.66
C GLU A 20 -15.56 -12.96 -4.07
N ARG A 21 -15.07 -14.20 -4.06
CA ARG A 21 -13.75 -14.49 -3.52
C ARG A 21 -12.69 -13.76 -4.32
N LYS A 22 -12.82 -13.77 -5.64
CA LYS A 22 -11.87 -13.09 -6.52
C LYS A 22 -11.87 -11.60 -6.26
N ARG A 23 -13.06 -11.03 -6.09
CA ARG A 23 -13.19 -9.60 -5.84
C ARG A 23 -12.48 -9.22 -4.54
N ARG A 24 -12.67 -10.06 -3.52
CA ARG A 24 -12.02 -9.80 -2.24
C ARG A 24 -10.51 -9.83 -2.39
N GLU A 25 -10.02 -10.81 -3.15
CA GLU A 25 -8.59 -10.95 -3.37
C GLU A 25 -8.06 -9.72 -4.09
N GLU A 26 -8.79 -9.24 -5.08
CA GLU A 26 -8.39 -8.05 -5.82
C GLU A 26 -8.34 -6.84 -4.90
N ASP A 27 -9.34 -6.72 -4.04
CA ASP A 27 -9.40 -5.62 -3.09
C ASP A 27 -8.22 -5.68 -2.12
N GLU A 28 -7.91 -6.88 -1.67
CA GLU A 28 -6.80 -7.07 -0.75
C GLU A 28 -5.49 -6.65 -1.39
N GLN A 29 -5.31 -7.02 -2.66
CA GLN A 29 -4.10 -6.66 -3.39
C GLN A 29 -3.98 -5.14 -3.50
N ARG A 30 -5.10 -4.49 -3.78
CA ARG A 30 -5.11 -3.04 -3.92
C ARG A 30 -4.73 -2.39 -2.60
N ARG A 31 -5.26 -2.92 -1.50
CA ARG A 31 -4.97 -2.40 -0.17
C ARG A 31 -3.47 -2.54 0.12
N ARG A 32 -2.92 -3.68 -0.24
CA ARG A 32 -1.50 -3.92 0.00
C ARG A 32 -0.67 -2.90 -0.78
N LYS A 33 -1.06 -2.68 -2.04
CA LYS A 33 -0.35 -1.72 -2.88
C LYS A 33 -0.44 -0.32 -2.29
N GLU A 34 -1.64 0.03 -1.81
CA GLU A 34 -1.86 1.35 -1.22
C GLU A 34 -0.97 1.54 0.01
N GLU A 35 -0.87 0.50 0.84
CA GLU A 35 -0.04 0.57 2.03
C GLU A 35 1.43 0.76 1.65
N GLU A 36 1.85 0.03 0.62
CA GLU A 36 3.23 0.10 0.16
C GLU A 36 3.53 1.51 -0.35
N GLU A 37 2.58 2.07 -1.11
CA GLU A 37 2.74 3.42 -1.64
C GLU A 37 2.85 4.43 -0.51
N ARG A 38 2.01 4.26 0.51
CA ARG A 38 2.03 5.18 1.65
C ARG A 38 3.39 5.11 2.33
N ARG A 39 3.90 3.90 2.52
CA ARG A 39 5.19 3.73 3.18
C ARG A 39 6.28 4.42 2.37
N MET A 40 6.23 4.27 1.05
CA MET A 40 7.23 4.89 0.19
C MET A 40 7.20 6.40 0.35
N LYS A 41 6.00 6.96 0.41
CA LYS A 41 5.83 8.40 0.58
C LYS A 41 6.42 8.84 1.92
N LEU A 42 6.16 8.05 2.95
CA LEU A 42 6.68 8.36 4.28
C LEU A 42 8.20 8.35 4.28
N GLU A 43 8.77 7.35 3.60
CA GLU A 43 10.22 7.23 3.50
C GLU A 43 10.80 8.44 2.77
N MET A 44 10.12 8.85 1.70
CA MET A 44 10.57 9.98 0.90
C MET A 44 10.59 11.25 1.75
N GLU A 45 9.56 11.45 2.57
CA GLU A 45 9.46 12.61 3.44
C GLU A 45 10.60 12.61 4.44
N ALA A 46 10.92 11.43 4.99
CA ALA A 46 11.98 11.30 5.96
C ALA A 46 13.32 11.70 5.33
N LYS A 47 13.53 11.27 4.09
CA LYS A 47 14.77 11.59 3.39
C LYS A 47 14.91 13.09 3.24
N ARG A 48 13.82 13.77 2.89
CA ARG A 48 13.83 15.22 2.75
C ARG A 48 14.17 15.88 4.08
N LYS A 49 13.56 15.37 5.15
CA LYS A 49 13.80 15.93 6.48
C LYS A 49 15.27 15.79 6.84
N GLN A 50 15.86 14.63 6.56
CA GLN A 50 17.26 14.40 6.85
C GLN A 50 18.12 15.36 6.03
N GLU A 51 17.77 15.51 4.76
CA GLU A 51 18.51 16.40 3.86
C GLU A 51 18.44 17.83 4.36
N GLU A 52 17.28 18.25 4.82
CA GLU A 52 17.07 19.60 5.32
C GLU A 52 17.96 19.85 6.54
N GLU A 53 18.07 18.87 7.44
CA GLU A 53 18.89 19.00 8.64
C GLU A 53 20.35 19.18 8.26
N GLU A 54 20.81 18.41 7.28
CA GLU A 54 22.19 18.50 6.81
C GLU A 54 22.48 19.87 6.23
N ARG A 55 21.52 20.39 5.48
CA ARG A 55 21.69 21.71 4.86
C ARG A 55 21.86 22.79 5.92
N LYS A 56 21.06 22.72 6.98
CA LYS A 56 21.13 23.69 8.08
C LYS A 56 22.48 23.60 8.75
N LYS A 57 22.96 22.38 8.96
CA LYS A 57 24.26 22.18 9.58
C LYS A 57 25.37 22.77 8.71
N ARG A 58 25.27 22.54 7.41
CA ARG A 58 26.25 23.07 6.46
C ARG A 58 26.26 24.59 6.47
N GLU A 59 25.06 25.17 6.52
CA GLU A 59 24.91 26.62 6.53
C GLU A 59 25.55 27.22 7.78
N ASP A 60 25.35 26.56 8.92
CA ASP A 60 25.90 27.02 10.19
C ASP A 60 27.44 27.02 10.15
N ASP A 61 28.01 25.97 9.57
CA ASP A 61 29.45 25.84 9.46
C ASP A 61 30.06 26.97 8.63
N GLU A 62 29.40 27.35 7.54
CA GLU A 62 29.85 28.42 6.66
C GLU A 62 29.84 29.78 7.36
N LYS A 63 28.78 30.04 8.14
CA LYS A 63 28.62 31.31 8.82
C LYS A 63 29.77 31.56 9.79
N ARG A 64 30.17 30.51 10.51
CA ARG A 64 31.28 30.68 11.43
C ARG A 64 32.62 30.66 10.71
N ILE A 65 32.59 30.67 9.38
CA ILE A 65 33.81 30.66 8.58
C ILE A 65 34.57 29.37 8.84
N GLN A 66 33.98 28.25 8.45
CA GLN A 66 34.60 26.94 8.63
C GLN A 66 34.73 26.60 10.11
N ALA A 67 33.65 26.79 10.85
CA ALA A 67 33.63 26.48 12.28
C ALA A 67 34.86 27.07 12.96
N GLU A 68 35.08 28.37 12.77
CA GLU A 68 36.23 29.05 13.35
C GLU A 68 37.49 28.20 13.29
N LYS A 1 -40.95 -23.55 -20.21
CA LYS A 1 -40.85 -24.77 -19.37
C LYS A 1 -39.66 -24.61 -18.42
N GLN A 2 -39.92 -24.78 -17.12
CA GLN A 2 -38.88 -24.65 -16.11
C GLN A 2 -39.05 -25.71 -15.03
N GLN A 3 -37.97 -26.02 -14.34
CA GLN A 3 -37.99 -27.03 -13.28
C GLN A 3 -37.17 -26.56 -12.08
N GLU A 4 -37.46 -27.13 -10.92
CA GLU A 4 -36.73 -26.78 -9.70
C GLU A 4 -35.23 -27.03 -9.88
N GLU A 5 -34.88 -27.86 -10.86
CA GLU A 5 -33.48 -28.17 -11.13
C GLU A 5 -32.72 -26.90 -11.51
N GLU A 6 -33.40 -26.06 -12.28
CA GLU A 6 -32.74 -24.81 -12.71
C GLU A 6 -32.37 -23.98 -11.50
N ALA A 7 -33.29 -23.91 -10.54
CA ALA A 7 -33.07 -23.11 -9.35
C ALA A 7 -31.83 -23.62 -8.62
N GLU A 8 -31.69 -24.95 -8.55
CA GLU A 8 -30.52 -25.53 -7.90
C GLU A 8 -29.25 -25.15 -8.63
N ARG A 9 -29.31 -25.21 -9.96
CA ARG A 9 -28.16 -24.82 -10.77
C ARG A 9 -27.85 -23.34 -10.57
N LEU A 10 -28.91 -22.54 -10.56
CA LEU A 10 -28.82 -21.09 -10.37
C LEU A 10 -28.22 -20.77 -9.02
N ARG A 11 -28.60 -21.54 -8.00
CA ARG A 11 -28.11 -21.33 -6.64
C ARG A 11 -26.59 -21.52 -6.55
N ARG A 12 -26.09 -22.56 -7.22
CA ARG A 12 -24.65 -22.84 -7.22
C ARG A 12 -23.88 -21.70 -7.88
N ILE A 13 -24.43 -21.19 -8.97
CA ILE A 13 -23.76 -20.11 -9.70
C ILE A 13 -23.63 -18.88 -8.81
N GLN A 14 -24.68 -18.55 -8.06
CA GLN A 14 -24.68 -17.39 -7.19
C GLN A 14 -23.61 -17.53 -6.11
N GLU A 15 -23.45 -18.73 -5.57
CA GLU A 15 -22.44 -18.98 -4.54
C GLU A 15 -21.03 -18.76 -5.06
N GLU A 16 -20.79 -19.23 -6.28
CA GLU A 16 -19.46 -19.10 -6.87
C GLU A 16 -19.09 -17.63 -7.03
N MET A 17 -20.05 -16.84 -7.49
CA MET A 17 -19.83 -15.42 -7.71
C MET A 17 -19.47 -14.71 -6.41
N GLU A 18 -20.13 -15.09 -5.31
CA GLU A 18 -19.87 -14.48 -4.02
C GLU A 18 -18.42 -14.74 -3.59
N LYS A 19 -17.95 -15.96 -3.80
CA LYS A 19 -16.58 -16.31 -3.42
C LYS A 19 -15.59 -15.47 -4.21
N GLU A 20 -15.85 -15.30 -5.50
CA GLU A 20 -14.99 -14.50 -6.37
C GLU A 20 -14.96 -13.05 -5.90
N ARG A 21 -16.14 -12.54 -5.53
CA ARG A 21 -16.25 -11.17 -5.07
C ARG A 21 -15.41 -10.97 -3.80
N LYS A 22 -15.49 -11.93 -2.89
CA LYS A 22 -14.73 -11.86 -1.64
C LYS A 22 -13.24 -11.86 -1.92
N ARG A 23 -12.82 -12.71 -2.85
CA ARG A 23 -11.40 -12.80 -3.20
C ARG A 23 -10.91 -11.48 -3.76
N ARG A 24 -11.73 -10.85 -4.61
CA ARG A 24 -11.35 -9.58 -5.19
C ARG A 24 -11.21 -8.52 -4.11
N GLU A 25 -12.15 -8.53 -3.16
CA GLU A 25 -12.12 -7.57 -2.06
C GLU A 25 -10.85 -7.76 -1.23
N GLU A 26 -10.51 -9.02 -0.98
CA GLU A 26 -9.31 -9.33 -0.21
C GLU A 26 -8.07 -8.84 -0.94
N ASP A 27 -8.03 -9.05 -2.25
CA ASP A 27 -6.91 -8.62 -3.07
C ASP A 27 -6.80 -7.10 -3.03
N GLU A 28 -7.95 -6.43 -3.11
CA GLU A 28 -7.97 -4.97 -3.09
C GLU A 28 -7.40 -4.45 -1.77
N GLN A 29 -7.79 -5.10 -0.67
CA GLN A 29 -7.31 -4.70 0.64
C GLN A 29 -5.79 -4.85 0.72
N ARG A 30 -5.28 -5.96 0.18
CA ARG A 30 -3.85 -6.22 0.19
C ARG A 30 -3.13 -5.14 -0.61
N ARG A 31 -3.69 -4.78 -1.76
CA ARG A 31 -3.10 -3.76 -2.61
C ARG A 31 -3.04 -2.43 -1.88
N ARG A 32 -4.12 -2.10 -1.19
CA ARG A 32 -4.18 -0.85 -0.44
C ARG A 32 -3.10 -0.82 0.64
N LYS A 33 -2.97 -1.95 1.35
CA LYS A 33 -1.96 -2.07 2.40
C LYS A 33 -0.56 -1.92 1.81
N GLU A 34 -0.34 -2.55 0.67
CA GLU A 34 0.96 -2.51 0.00
C GLU A 34 1.30 -1.06 -0.37
N GLU A 35 0.33 -0.33 -0.89
CA GLU A 35 0.53 1.06 -1.28
C GLU A 35 0.88 1.91 -0.06
N GLU A 36 0.18 1.67 1.04
CA GLU A 36 0.42 2.41 2.27
C GLU A 36 1.83 2.14 2.78
N GLU A 37 2.24 0.87 2.73
CA GLU A 37 3.57 0.49 3.18
C GLU A 37 4.63 1.16 2.33
N ARG A 38 4.40 1.18 1.01
CA ARG A 38 5.37 1.80 0.11
C ARG A 38 5.49 3.29 0.43
N ARG A 39 4.35 3.93 0.66
CA ARG A 39 4.36 5.36 0.97
C ARG A 39 5.15 5.62 2.25
N MET A 40 4.97 4.76 3.24
CA MET A 40 5.66 4.92 4.52
C MET A 40 7.17 4.82 4.30
N LYS A 41 7.58 3.87 3.46
CA LYS A 41 9.00 3.70 3.16
C LYS A 41 9.55 4.95 2.49
N LEU A 42 8.79 5.49 1.55
CA LEU A 42 9.21 6.70 0.85
C LEU A 42 9.36 7.86 1.82
N GLU A 43 8.39 8.00 2.72
CA GLU A 43 8.43 9.06 3.72
C GLU A 43 9.65 8.90 4.60
N MET A 44 9.93 7.66 4.99
CA MET A 44 11.07 7.37 5.85
C MET A 44 12.37 7.77 5.16
N GLU A 45 12.48 7.46 3.88
CA GLU A 45 13.67 7.80 3.09
C GLU A 45 13.84 9.32 3.03
N ALA A 46 12.73 10.03 2.84
CA ALA A 46 12.77 11.49 2.77
C ALA A 46 13.28 12.06 4.08
N LYS A 47 12.81 11.50 5.19
CA LYS A 47 13.22 11.99 6.50
C LYS A 47 14.73 11.82 6.65
N ARG A 48 15.26 10.68 6.22
CA ARG A 48 16.69 10.43 6.30
C ARG A 48 17.45 11.45 5.45
N LYS A 49 16.92 11.73 4.26
CA LYS A 49 17.57 12.67 3.35
C LYS A 49 17.63 14.05 4.01
N GLN A 50 16.53 14.45 4.64
CA GLN A 50 16.48 15.74 5.31
C GLN A 50 17.50 15.78 6.45
N GLU A 51 17.56 14.69 7.21
CA GLU A 51 18.48 14.58 8.33
C GLU A 51 19.92 14.71 7.84
N GLU A 52 20.22 14.06 6.71
CA GLU A 52 21.56 14.08 6.14
C GLU A 52 21.95 15.51 5.79
N GLU A 53 21.02 16.27 5.23
CA GLU A 53 21.28 17.66 4.84
C GLU A 53 21.64 18.49 6.07
N GLU A 54 20.90 18.29 7.16
CA GLU A 54 21.15 19.01 8.40
C GLU A 54 22.55 18.70 8.93
N ARG A 55 22.92 17.43 8.84
CA ARG A 55 24.23 17.01 9.34
C ARG A 55 25.33 17.72 8.56
N LYS A 56 25.19 17.83 7.25
CA LYS A 56 26.17 18.51 6.41
C LYS A 56 26.27 19.98 6.81
N LYS A 57 25.12 20.60 7.07
CA LYS A 57 25.09 21.99 7.46
C LYS A 57 25.80 22.18 8.81
N ARG A 58 25.53 21.27 9.73
CA ARG A 58 26.15 21.33 11.05
C ARG A 58 27.67 21.18 10.95
N GLU A 59 28.09 20.25 10.10
CA GLU A 59 29.52 20.00 9.91
C GLU A 59 30.21 21.24 9.35
N ASP A 60 29.57 21.91 8.40
CA ASP A 60 30.13 23.10 7.77
C ASP A 60 30.33 24.21 8.79
N ASP A 61 29.35 24.38 9.68
CA ASP A 61 29.39 25.41 10.71
C ASP A 61 30.57 25.18 11.66
N GLU A 62 30.82 23.93 12.03
CA GLU A 62 31.92 23.55 12.91
C GLU A 62 33.28 23.84 12.28
N LYS A 63 33.41 23.53 11.00
CA LYS A 63 34.69 23.69 10.30
C LYS A 63 35.12 25.15 10.30
N ARG A 64 34.16 26.04 10.08
CA ARG A 64 34.48 27.47 10.08
C ARG A 64 34.59 28.01 11.50
N ILE A 65 34.53 27.13 12.50
CA ILE A 65 34.64 27.52 13.90
C ILE A 65 33.72 28.71 14.20
N GLN A 66 32.54 28.72 13.57
CA GLN A 66 31.59 29.80 13.78
C GLN A 66 32.31 31.15 13.84
N ALA A 67 33.44 31.24 13.13
CA ALA A 67 34.24 32.46 13.13
C ALA A 67 33.45 33.62 12.53
N GLU A 68 32.67 33.30 11.50
CA GLU A 68 31.86 34.32 10.84
C GLU A 68 30.89 33.65 9.85
N LYS A 1 -37.39 -33.03 -10.15
CA LYS A 1 -36.86 -33.68 -11.38
C LYS A 1 -35.34 -33.57 -11.40
N GLN A 2 -34.70 -34.27 -12.32
CA GLN A 2 -33.25 -34.25 -12.44
C GLN A 2 -32.77 -32.85 -12.81
N GLN A 3 -33.51 -32.20 -13.71
CA GLN A 3 -33.15 -30.86 -14.16
C GLN A 3 -33.20 -29.88 -12.99
N GLU A 4 -34.22 -30.00 -12.15
CA GLU A 4 -34.36 -29.12 -11.00
C GLU A 4 -33.22 -29.34 -10.01
N GLU A 5 -32.83 -30.60 -9.81
CA GLU A 5 -31.74 -30.93 -8.91
C GLU A 5 -30.44 -30.30 -9.39
N GLU A 6 -30.22 -30.39 -10.69
CA GLU A 6 -28.99 -29.85 -11.26
C GLU A 6 -28.94 -28.34 -11.00
N ALA A 7 -30.07 -27.69 -11.19
CA ALA A 7 -30.14 -26.25 -11.01
C ALA A 7 -29.75 -25.90 -9.58
N GLU A 8 -30.22 -26.68 -8.62
CA GLU A 8 -29.87 -26.44 -7.22
C GLU A 8 -28.36 -26.59 -7.01
N ARG A 9 -27.80 -27.62 -7.63
CA ARG A 9 -26.35 -27.83 -7.54
C ARG A 9 -25.61 -26.67 -8.19
N LEU A 10 -26.11 -26.26 -9.35
CA LEU A 10 -25.53 -25.15 -10.12
C LEU A 10 -25.60 -23.85 -9.31
N ARG A 11 -26.69 -23.66 -8.58
CA ARG A 11 -26.88 -22.46 -7.76
C ARG A 11 -25.83 -22.36 -6.66
N ARG A 12 -25.54 -23.49 -6.00
CA ARG A 12 -24.55 -23.52 -4.93
C ARG A 12 -23.17 -23.15 -5.46
N ILE A 13 -22.85 -23.69 -6.64
CA ILE A 13 -21.54 -23.45 -7.23
C ILE A 13 -21.36 -21.96 -7.52
N GLN A 14 -22.39 -21.32 -8.04
CA GLN A 14 -22.35 -19.90 -8.38
C GLN A 14 -22.10 -19.07 -7.13
N GLU A 15 -22.74 -19.43 -6.01
CA GLU A 15 -22.58 -18.72 -4.75
C GLU A 15 -21.16 -18.80 -4.23
N GLU A 16 -20.57 -19.99 -4.34
CA GLU A 16 -19.21 -20.18 -3.86
C GLU A 16 -18.23 -19.30 -4.62
N MET A 17 -18.43 -19.22 -5.94
CA MET A 17 -17.55 -18.44 -6.80
C MET A 17 -17.61 -16.97 -6.42
N GLU A 18 -18.81 -16.47 -6.11
CA GLU A 18 -18.97 -15.07 -5.73
C GLU A 18 -18.20 -14.75 -4.46
N LYS A 19 -18.25 -15.66 -3.49
CA LYS A 19 -17.54 -15.45 -2.23
C LYS A 19 -16.04 -15.39 -2.49
N GLU A 20 -15.55 -16.27 -3.35
CA GLU A 20 -14.14 -16.30 -3.69
C GLU A 20 -13.75 -15.00 -4.37
N ARG A 21 -14.60 -14.53 -5.27
CA ARG A 21 -14.34 -13.30 -6.01
C ARG A 21 -14.22 -12.13 -5.03
N LYS A 22 -15.12 -12.09 -4.05
CA LYS A 22 -15.11 -11.02 -3.06
C LYS A 22 -13.82 -11.06 -2.25
N ARG A 23 -13.40 -12.27 -1.89
CA ARG A 23 -12.17 -12.43 -1.11
C ARG A 23 -10.98 -11.90 -1.89
N ARG A 24 -10.93 -12.22 -3.17
CA ARG A 24 -9.83 -11.76 -4.02
C ARG A 24 -9.82 -10.24 -4.09
N GLU A 25 -11.00 -9.65 -4.25
CA GLU A 25 -11.11 -8.21 -4.32
C GLU A 25 -10.62 -7.57 -3.03
N GLU A 26 -11.00 -8.17 -1.91
CA GLU A 26 -10.60 -7.65 -0.60
C GLU A 26 -9.07 -7.72 -0.47
N ASP A 27 -8.49 -8.84 -0.89
CA ASP A 27 -7.05 -9.03 -0.85
C ASP A 27 -6.35 -8.01 -1.72
N GLU A 28 -6.91 -7.77 -2.90
CA GLU A 28 -6.33 -6.80 -3.83
C GLU A 28 -6.32 -5.41 -3.22
N GLN A 29 -7.42 -5.07 -2.56
CA GLN A 29 -7.53 -3.76 -1.92
C GLN A 29 -6.47 -3.61 -0.84
N ARG A 30 -6.28 -4.67 -0.06
CA ARG A 30 -5.28 -4.66 1.01
C ARG A 30 -3.89 -4.47 0.42
N ARG A 31 -3.63 -5.17 -0.68
CA ARG A 31 -2.33 -5.06 -1.33
C ARG A 31 -2.11 -3.63 -1.81
N ARG A 32 -3.14 -3.04 -2.39
CA ARG A 32 -3.04 -1.68 -2.89
C ARG A 32 -2.73 -0.72 -1.73
N LYS A 33 -3.43 -0.92 -0.62
CA LYS A 33 -3.23 -0.08 0.55
C LYS A 33 -1.81 -0.24 1.07
N GLU A 34 -1.33 -1.48 1.09
CA GLU A 34 0.01 -1.77 1.58
C GLU A 34 1.04 -1.05 0.71
N GLU A 35 0.84 -1.09 -0.60
CA GLU A 35 1.74 -0.42 -1.53
C GLU A 35 1.76 1.08 -1.28
N GLU A 36 0.58 1.65 -1.07
CA GLU A 36 0.45 3.08 -0.81
C GLU A 36 1.19 3.45 0.47
N GLU A 37 1.04 2.62 1.50
CA GLU A 37 1.69 2.87 2.78
C GLU A 37 3.20 2.83 2.61
N ARG A 38 3.67 1.86 1.83
CA ARG A 38 5.12 1.72 1.60
C ARG A 38 5.64 2.97 0.91
N ARG A 39 4.89 3.44 -0.10
CA ARG A 39 5.31 4.62 -0.84
C ARG A 39 5.40 5.82 0.10
N MET A 40 4.42 5.95 0.99
CA MET A 40 4.40 7.06 1.93
C MET A 40 5.63 7.01 2.83
N LYS A 41 5.98 5.80 3.27
CA LYS A 41 7.16 5.64 4.11
C LYS A 41 8.42 6.04 3.36
N LEU A 42 8.50 5.65 2.09
CA LEU A 42 9.65 5.98 1.26
C LEU A 42 9.77 7.49 1.12
N GLU A 43 8.63 8.14 0.87
CA GLU A 43 8.60 9.59 0.70
C GLU A 43 9.06 10.27 1.99
N MET A 44 8.62 9.74 3.12
CA MET A 44 8.97 10.30 4.43
C MET A 44 10.48 10.22 4.62
N GLU A 45 11.08 9.08 4.25
CA GLU A 45 12.50 8.88 4.38
C GLU A 45 13.26 9.89 3.52
N ALA A 46 12.76 10.11 2.30
CA ALA A 46 13.39 11.05 1.38
C ALA A 46 13.38 12.45 1.99
N LYS A 47 12.25 12.82 2.59
CA LYS A 47 12.12 14.14 3.19
C LYS A 47 13.16 14.31 4.30
N ARG A 48 13.33 13.26 5.12
CA ARG A 48 14.31 13.30 6.19
C ARG A 48 15.71 13.46 5.62
N LYS A 49 15.98 12.73 4.55
CA LYS A 49 17.29 12.79 3.91
C LYS A 49 17.57 14.20 3.41
N GLN A 50 16.55 14.81 2.79
CA GLN A 50 16.69 16.17 2.29
C GLN A 50 16.95 17.14 3.44
N GLU A 51 16.21 16.94 4.53
CA GLU A 51 16.35 17.80 5.71
C GLU A 51 17.77 17.67 6.27
N GLU A 52 18.29 16.45 6.29
CA GLU A 52 19.63 16.19 6.80
C GLU A 52 20.66 16.95 5.99
N GLU A 53 20.49 16.97 4.66
CA GLU A 53 21.41 17.65 3.78
C GLU A 53 21.44 19.14 4.09
N GLU A 54 20.26 19.72 4.32
CA GLU A 54 20.14 21.13 4.64
C GLU A 54 20.86 21.43 5.95
N ARG A 55 20.70 20.55 6.92
CA ARG A 55 21.31 20.75 8.23
C ARG A 55 22.83 20.79 8.08
N LYS A 56 23.40 19.89 7.28
CA LYS A 56 24.84 19.86 7.04
C LYS A 56 25.30 21.16 6.39
N LYS A 57 24.52 21.63 5.43
CA LYS A 57 24.84 22.88 4.74
C LYS A 57 24.82 24.05 5.72
N ARG A 58 23.81 24.07 6.58
CA ARG A 58 23.68 25.13 7.57
C ARG A 58 24.85 25.12 8.54
N GLU A 59 25.24 23.91 8.96
CA GLU A 59 26.36 23.74 9.88
C GLU A 59 27.65 24.26 9.28
N ASP A 60 27.87 23.97 7.99
CA ASP A 60 29.08 24.40 7.30
C ASP A 60 29.16 25.92 7.26
N ASP A 61 28.03 26.57 6.99
CA ASP A 61 27.95 28.02 6.92
C ASP A 61 28.32 28.64 8.25
N GLU A 62 27.88 28.04 9.35
CA GLU A 62 28.16 28.53 10.71
C GLU A 62 29.64 28.49 11.01
N LYS A 63 30.31 27.42 10.59
CA LYS A 63 31.73 27.26 10.89
C LYS A 63 32.53 28.40 10.27
N ARG A 64 32.18 28.75 9.04
CA ARG A 64 32.89 29.85 8.38
C ARG A 64 32.62 31.17 9.07
N ILE A 65 31.86 31.15 10.17
CA ILE A 65 31.58 32.37 10.93
C ILE A 65 32.86 32.89 11.58
N GLN A 66 33.66 31.98 12.12
CA GLN A 66 34.89 32.38 12.81
C GLN A 66 35.79 33.18 11.86
N ALA A 67 35.84 32.75 10.61
CA ALA A 67 36.66 33.44 9.61
C ALA A 67 36.22 34.88 9.46
N GLU A 68 34.91 35.13 9.58
CA GLU A 68 34.37 36.47 9.46
C GLU A 68 34.83 37.34 10.64
#